data_6JZA
# 
_entry.id   6JZA 
# 
_audit_conform.dict_name       mmcif_pdbx.dic 
_audit_conform.dict_version    5.398 
_audit_conform.dict_location   http://mmcif.pdb.org/dictionaries/ascii/mmcif_pdbx.dic 
# 
loop_
_database_2.database_id 
_database_2.database_code 
_database_2.pdbx_database_accession 
_database_2.pdbx_DOI 
PDB   6JZA         pdb_00006jza 10.2210/pdb6jza/pdb 
WWPDB D_1300012010 ?            ?                   
# 
loop_
_pdbx_audit_revision_history.ordinal 
_pdbx_audit_revision_history.data_content_type 
_pdbx_audit_revision_history.major_revision 
_pdbx_audit_revision_history.minor_revision 
_pdbx_audit_revision_history.revision_date 
1 'Structure model' 1 0 2019-08-21 
2 'Structure model' 1 1 2019-09-25 
3 'Structure model' 1 2 2024-11-13 
# 
_pdbx_audit_revision_details.ordinal             1 
_pdbx_audit_revision_details.revision_ordinal    1 
_pdbx_audit_revision_details.data_content_type   'Structure model' 
_pdbx_audit_revision_details.provider            repository 
_pdbx_audit_revision_details.type                'Initial release' 
_pdbx_audit_revision_details.description         ? 
_pdbx_audit_revision_details.details             ? 
# 
loop_
_pdbx_audit_revision_group.ordinal 
_pdbx_audit_revision_group.revision_ordinal 
_pdbx_audit_revision_group.data_content_type 
_pdbx_audit_revision_group.group 
1 2 'Structure model' 'Data collection'     
2 2 'Structure model' 'Database references' 
3 3 'Structure model' 'Data collection'     
4 3 'Structure model' 'Database references' 
5 3 'Structure model' 'Structure summary'   
# 
loop_
_pdbx_audit_revision_category.ordinal 
_pdbx_audit_revision_category.revision_ordinal 
_pdbx_audit_revision_category.data_content_type 
_pdbx_audit_revision_category.category 
1 2 'Structure model' citation                  
2 2 'Structure model' citation_author           
3 3 'Structure model' chem_comp_atom            
4 3 'Structure model' chem_comp_bond            
5 3 'Structure model' database_2                
6 3 'Structure model' pdbx_entry_details        
7 3 'Structure model' pdbx_modification_feature 
# 
loop_
_pdbx_audit_revision_item.ordinal 
_pdbx_audit_revision_item.revision_ordinal 
_pdbx_audit_revision_item.data_content_type 
_pdbx_audit_revision_item.item 
1 2 'Structure model' '_citation.journal_volume'            
2 2 'Structure model' '_citation.page_first'                
3 2 'Structure model' '_citation.page_last'                 
4 2 'Structure model' '_citation_author.identifier_ORCID'   
5 3 'Structure model' '_database_2.pdbx_DOI'                
6 3 'Structure model' '_database_2.pdbx_database_accession' 
# 
_pdbx_database_status.status_code                     REL 
_pdbx_database_status.status_code_sf                  REL 
_pdbx_database_status.status_code_mr                  ? 
_pdbx_database_status.entry_id                        6JZA 
_pdbx_database_status.recvd_initial_deposition_date   2019-04-30 
_pdbx_database_status.SG_entry                        N 
_pdbx_database_status.deposit_site                    PDBJ 
_pdbx_database_status.process_site                    PDBJ 
_pdbx_database_status.status_code_cs                  ? 
_pdbx_database_status.methods_development_category    ? 
_pdbx_database_status.pdb_format_compatible           Y 
_pdbx_database_status.status_code_nmr_data            ? 
# 
loop_
_audit_author.name 
_audit_author.pdbx_ordinal 
_audit_author.identifier_ORCID 
'Liu, X.'  1 0000-0002-6045-718X 
'Ning, W.' 2 0000-0002-7425-130X 
# 
_citation.abstract                  ? 
_citation.abstract_id_CAS           ? 
_citation.book_id_ISBN              ? 
_citation.book_publisher            ? 
_citation.book_publisher_city       ? 
_citation.book_title                ? 
_citation.coordinate_linkage        ? 
_citation.country                   US 
_citation.database_id_Medline       ? 
_citation.details                   ? 
_citation.id                        primary 
_citation.journal_abbrev            'Protein Sci.' 
_citation.journal_id_ASTM           PRCIEI 
_citation.journal_id_CSD            0795 
_citation.journal_id_ISSN           1469-896X 
_citation.journal_full              ? 
_citation.journal_issue             ? 
_citation.journal_volume            28 
_citation.language                  ? 
_citation.page_first                1819 
_citation.page_last                 1829 
_citation.title                     'Structural and functional study of FK domain of Fstl1.' 
_citation.year                      2019 
_citation.database_id_CSD           ? 
_citation.pdbx_database_id_DOI      10.1002/pro.3696 
_citation.pdbx_database_id_PubMed   31351024 
_citation.unpublished_flag          ? 
# 
loop_
_citation_author.citation_id 
_citation_author.name 
_citation_author.ordinal 
_citation_author.identifier_ORCID 
primary 'Li, X.'    1 ? 
primary 'Li, L.'    2 ? 
primary 'Chang, Y.' 3 ? 
primary 'Ning, W.'  4 ? 
primary 'Liu, X.'   5 ? 
# 
loop_
_entity.id 
_entity.type 
_entity.src_method 
_entity.pdbx_description 
_entity.formula_weight 
_entity.pdbx_number_of_molecules 
_entity.pdbx_ec 
_entity.pdbx_mutation 
_entity.pdbx_fragment 
_entity.details 
1 polymer man 'Follistatin-related protein 1' 9011.317 1  ? ? ? ? 
2 water   nat water                           18.015   34 ? ? ? ? 
# 
_entity_name_com.entity_id   1 
_entity_name_com.name        'Follistatin-like protein 1,TGF-beta-inducible protein TSC-36' 
# 
_entity_poly.entity_id                      1 
_entity_poly.type                           'polypeptide(L)' 
_entity_poly.nstd_linkage                   no 
_entity_poly.nstd_monomer                   no 
_entity_poly.pdbx_seq_one_letter_code       
;PWEEPRSKSKICANVFCGAGRECAVTEKGEPTCLCIEQCKPHKRPVCGSNGKTYLNHCELHRDACLTGSKIQVDYDGHCK
E
;
_entity_poly.pdbx_seq_one_letter_code_can   
;PWEEPRSKSKICANVFCGAGRECAVTEKGEPTCLCIEQCKPHKRPVCGSNGKTYLNHCELHRDACLTGSKIQVDYDGHCK
E
;
_entity_poly.pdbx_strand_id                 A 
_entity_poly.pdbx_target_identifier         ? 
# 
_pdbx_entity_nonpoly.entity_id   2 
_pdbx_entity_nonpoly.name        water 
_pdbx_entity_nonpoly.comp_id     HOH 
# 
loop_
_entity_poly_seq.entity_id 
_entity_poly_seq.num 
_entity_poly_seq.mon_id 
_entity_poly_seq.hetero 
1 1  PRO n 
1 2  TRP n 
1 3  GLU n 
1 4  GLU n 
1 5  PRO n 
1 6  ARG n 
1 7  SER n 
1 8  LYS n 
1 9  SER n 
1 10 LYS n 
1 11 ILE n 
1 12 CYS n 
1 13 ALA n 
1 14 ASN n 
1 15 VAL n 
1 16 PHE n 
1 17 CYS n 
1 18 GLY n 
1 19 ALA n 
1 20 GLY n 
1 21 ARG n 
1 22 GLU n 
1 23 CYS n 
1 24 ALA n 
1 25 VAL n 
1 26 THR n 
1 27 GLU n 
1 28 LYS n 
1 29 GLY n 
1 30 GLU n 
1 31 PRO n 
1 32 THR n 
1 33 CYS n 
1 34 LEU n 
1 35 CYS n 
1 36 ILE n 
1 37 GLU n 
1 38 GLN n 
1 39 CYS n 
1 40 LYS n 
1 41 PRO n 
1 42 HIS n 
1 43 LYS n 
1 44 ARG n 
1 45 PRO n 
1 46 VAL n 
1 47 CYS n 
1 48 GLY n 
1 49 SER n 
1 50 ASN n 
1 51 GLY n 
1 52 LYS n 
1 53 THR n 
1 54 TYR n 
1 55 LEU n 
1 56 ASN n 
1 57 HIS n 
1 58 CYS n 
1 59 GLU n 
1 60 LEU n 
1 61 HIS n 
1 62 ARG n 
1 63 ASP n 
1 64 ALA n 
1 65 CYS n 
1 66 LEU n 
1 67 THR n 
1 68 GLY n 
1 69 SER n 
1 70 LYS n 
1 71 ILE n 
1 72 GLN n 
1 73 VAL n 
1 74 ASP n 
1 75 TYR n 
1 76 ASP n 
1 77 GLY n 
1 78 HIS n 
1 79 CYS n 
1 80 LYS n 
1 81 GLU n 
# 
_entity_src_gen.entity_id                          1 
_entity_src_gen.pdbx_src_id                        1 
_entity_src_gen.pdbx_alt_source_flag               sample 
_entity_src_gen.pdbx_seq_type                      'Biological sequence' 
_entity_src_gen.pdbx_beg_seq_num                   1 
_entity_src_gen.pdbx_end_seq_num                   81 
_entity_src_gen.gene_src_common_name               Mouse 
_entity_src_gen.gene_src_genus                     ? 
_entity_src_gen.pdbx_gene_src_gene                 'Fstl1, Frp, Fstl, Tsc36' 
_entity_src_gen.gene_src_species                   ? 
_entity_src_gen.gene_src_strain                    ? 
_entity_src_gen.gene_src_tissue                    ? 
_entity_src_gen.gene_src_tissue_fraction           ? 
_entity_src_gen.gene_src_details                   ? 
_entity_src_gen.pdbx_gene_src_fragment             ? 
_entity_src_gen.pdbx_gene_src_scientific_name      'Mus musculus' 
_entity_src_gen.pdbx_gene_src_ncbi_taxonomy_id     10090 
_entity_src_gen.pdbx_gene_src_variant              ? 
_entity_src_gen.pdbx_gene_src_cell_line            ? 
_entity_src_gen.pdbx_gene_src_atcc                 ? 
_entity_src_gen.pdbx_gene_src_organ                ? 
_entity_src_gen.pdbx_gene_src_organelle            ? 
_entity_src_gen.pdbx_gene_src_cell                 ? 
_entity_src_gen.pdbx_gene_src_cellular_location    ? 
_entity_src_gen.host_org_common_name               ? 
_entity_src_gen.pdbx_host_org_scientific_name      'Escherichia coli' 
_entity_src_gen.pdbx_host_org_ncbi_taxonomy_id     562 
_entity_src_gen.host_org_genus                     ? 
_entity_src_gen.pdbx_host_org_gene                 ? 
_entity_src_gen.pdbx_host_org_organ                ? 
_entity_src_gen.host_org_species                   ? 
_entity_src_gen.pdbx_host_org_tissue               ? 
_entity_src_gen.pdbx_host_org_tissue_fraction      ? 
_entity_src_gen.pdbx_host_org_strain               ? 
_entity_src_gen.pdbx_host_org_variant              ? 
_entity_src_gen.pdbx_host_org_cell_line            ? 
_entity_src_gen.pdbx_host_org_atcc                 ? 
_entity_src_gen.pdbx_host_org_culture_collection   ? 
_entity_src_gen.pdbx_host_org_cell                 ? 
_entity_src_gen.pdbx_host_org_organelle            ? 
_entity_src_gen.pdbx_host_org_cellular_location    ? 
_entity_src_gen.pdbx_host_org_vector_type          ? 
_entity_src_gen.pdbx_host_org_vector               ? 
_entity_src_gen.host_org_details                   ? 
_entity_src_gen.expression_system_id               ? 
_entity_src_gen.plasmid_name                       ? 
_entity_src_gen.plasmid_details                    ? 
_entity_src_gen.pdbx_description                   ? 
# 
loop_
_chem_comp.id 
_chem_comp.type 
_chem_comp.mon_nstd_flag 
_chem_comp.name 
_chem_comp.pdbx_synonyms 
_chem_comp.formula 
_chem_comp.formula_weight 
ALA 'L-peptide linking' y ALANINE         ? 'C3 H7 N O2'     89.093  
ARG 'L-peptide linking' y ARGININE        ? 'C6 H15 N4 O2 1' 175.209 
ASN 'L-peptide linking' y ASPARAGINE      ? 'C4 H8 N2 O3'    132.118 
ASP 'L-peptide linking' y 'ASPARTIC ACID' ? 'C4 H7 N O4'     133.103 
CYS 'L-peptide linking' y CYSTEINE        ? 'C3 H7 N O2 S'   121.158 
GLN 'L-peptide linking' y GLUTAMINE       ? 'C5 H10 N2 O3'   146.144 
GLU 'L-peptide linking' y 'GLUTAMIC ACID' ? 'C5 H9 N O4'     147.129 
GLY 'peptide linking'   y GLYCINE         ? 'C2 H5 N O2'     75.067  
HIS 'L-peptide linking' y HISTIDINE       ? 'C6 H10 N3 O2 1' 156.162 
HOH non-polymer         . WATER           ? 'H2 O'           18.015  
ILE 'L-peptide linking' y ISOLEUCINE      ? 'C6 H13 N O2'    131.173 
LEU 'L-peptide linking' y LEUCINE         ? 'C6 H13 N O2'    131.173 
LYS 'L-peptide linking' y LYSINE          ? 'C6 H15 N2 O2 1' 147.195 
PHE 'L-peptide linking' y PHENYLALANINE   ? 'C9 H11 N O2'    165.189 
PRO 'L-peptide linking' y PROLINE         ? 'C5 H9 N O2'     115.130 
SER 'L-peptide linking' y SERINE          ? 'C3 H7 N O3'     105.093 
THR 'L-peptide linking' y THREONINE       ? 'C4 H9 N O3'     119.119 
TRP 'L-peptide linking' y TRYPTOPHAN      ? 'C11 H12 N2 O2'  204.225 
TYR 'L-peptide linking' y TYROSINE        ? 'C9 H11 N O3'    181.189 
VAL 'L-peptide linking' y VALINE          ? 'C5 H11 N O2'    117.146 
# 
loop_
_pdbx_poly_seq_scheme.asym_id 
_pdbx_poly_seq_scheme.entity_id 
_pdbx_poly_seq_scheme.seq_id 
_pdbx_poly_seq_scheme.mon_id 
_pdbx_poly_seq_scheme.ndb_seq_num 
_pdbx_poly_seq_scheme.pdb_seq_num 
_pdbx_poly_seq_scheme.auth_seq_num 
_pdbx_poly_seq_scheme.pdb_mon_id 
_pdbx_poly_seq_scheme.auth_mon_id 
_pdbx_poly_seq_scheme.pdb_strand_id 
_pdbx_poly_seq_scheme.pdb_ins_code 
_pdbx_poly_seq_scheme.hetero 
A 1 1  PRO 1  18 18 PRO PRO A . n 
A 1 2  TRP 2  19 19 TRP TRP A . n 
A 1 3  GLU 3  20 20 GLU GLU A . n 
A 1 4  GLU 4  21 21 GLU GLU A . n 
A 1 5  PRO 5  22 22 PRO PRO A . n 
A 1 6  ARG 6  23 23 ARG ARG A . n 
A 1 7  SER 7  24 24 SER SER A . n 
A 1 8  LYS 8  25 25 LYS LYS A . n 
A 1 9  SER 9  26 26 SER SER A . n 
A 1 10 LYS 10 27 27 LYS LYS A . n 
A 1 11 ILE 11 28 28 ILE ILE A . n 
A 1 12 CYS 12 29 29 CYS CYS A . n 
A 1 13 ALA 13 30 30 ALA ALA A . n 
A 1 14 ASN 14 31 31 ASN ASN A . n 
A 1 15 VAL 15 32 32 VAL VAL A . n 
A 1 16 PHE 16 33 33 PHE PHE A . n 
A 1 17 CYS 17 34 34 CYS CYS A . n 
A 1 18 GLY 18 35 35 GLY GLY A . n 
A 1 19 ALA 19 36 36 ALA ALA A . n 
A 1 20 GLY 20 37 37 GLY GLY A . n 
A 1 21 ARG 21 38 38 ARG ARG A . n 
A 1 22 GLU 22 39 39 GLU GLU A . n 
A 1 23 CYS 23 40 40 CYS CYS A . n 
A 1 24 ALA 24 41 41 ALA ALA A . n 
A 1 25 VAL 25 42 42 VAL VAL A . n 
A 1 26 THR 26 43 43 THR THR A . n 
A 1 27 GLU 27 44 44 GLU GLU A . n 
A 1 28 LYS 28 45 45 LYS LYS A . n 
A 1 29 GLY 29 46 46 GLY GLY A . n 
A 1 30 GLU 30 47 47 GLU GLU A . n 
A 1 31 PRO 31 48 48 PRO PRO A . n 
A 1 32 THR 32 49 49 THR THR A . n 
A 1 33 CYS 33 50 50 CYS CYS A . n 
A 1 34 LEU 34 51 51 LEU LEU A . n 
A 1 35 CYS 35 52 52 CYS CYS A . n 
A 1 36 ILE 36 53 53 ILE ILE A . n 
A 1 37 GLU 37 54 54 GLU GLU A . n 
A 1 38 GLN 38 55 55 GLN GLN A . n 
A 1 39 CYS 39 56 56 CYS CYS A . n 
A 1 40 LYS 40 57 57 LYS LYS A . n 
A 1 41 PRO 41 58 58 PRO PRO A . n 
A 1 42 HIS 42 59 59 HIS HIS A . n 
A 1 43 LYS 43 60 60 LYS LYS A . n 
A 1 44 ARG 44 61 61 ARG ARG A . n 
A 1 45 PRO 45 62 62 PRO PRO A . n 
A 1 46 VAL 46 63 63 VAL VAL A . n 
A 1 47 CYS 47 64 64 CYS CYS A . n 
A 1 48 GLY 48 65 65 GLY GLY A . n 
A 1 49 SER 49 66 66 SER SER A . n 
A 1 50 ASN 50 67 67 ASN ASN A . n 
A 1 51 GLY 51 68 68 GLY GLY A . n 
A 1 52 LYS 52 69 69 LYS LYS A . n 
A 1 53 THR 53 70 70 THR THR A . n 
A 1 54 TYR 54 71 71 TYR TYR A . n 
A 1 55 LEU 55 72 72 LEU LEU A . n 
A 1 56 ASN 56 73 73 ASN ASN A . n 
A 1 57 HIS 57 74 74 HIS HIS A . n 
A 1 58 CYS 58 75 75 CYS CYS A . n 
A 1 59 GLU 59 76 76 GLU GLU A . n 
A 1 60 LEU 60 77 77 LEU LEU A . n 
A 1 61 HIS 61 78 78 HIS HIS A . n 
A 1 62 ARG 62 79 79 ARG ARG A . n 
A 1 63 ASP 63 80 80 ASP ASP A . n 
A 1 64 ALA 64 81 81 ALA ALA A . n 
A 1 65 CYS 65 82 82 CYS CYS A . n 
A 1 66 LEU 66 83 83 LEU LEU A . n 
A 1 67 THR 67 84 84 THR THR A . n 
A 1 68 GLY 68 85 85 GLY GLY A . n 
A 1 69 SER 69 86 86 SER SER A . n 
A 1 70 LYS 70 87 87 LYS LYS A . n 
A 1 71 ILE 71 88 88 ILE ILE A . n 
A 1 72 GLN 72 89 89 GLN GLN A . n 
A 1 73 VAL 73 90 90 VAL VAL A . n 
A 1 74 ASP 74 91 91 ASP ASP A . n 
A 1 75 TYR 75 92 92 TYR TYR A . n 
A 1 76 ASP 76 93 93 ASP ASP A . n 
A 1 77 GLY 77 94 94 GLY GLY A . n 
A 1 78 HIS 78 95 95 HIS HIS A . n 
A 1 79 CYS 79 96 96 CYS CYS A . n 
A 1 80 LYS 80 97 97 LYS LYS A . n 
A 1 81 GLU 81 98 98 GLU GLU A . n 
# 
loop_
_pdbx_nonpoly_scheme.asym_id 
_pdbx_nonpoly_scheme.entity_id 
_pdbx_nonpoly_scheme.mon_id 
_pdbx_nonpoly_scheme.ndb_seq_num 
_pdbx_nonpoly_scheme.pdb_seq_num 
_pdbx_nonpoly_scheme.auth_seq_num 
_pdbx_nonpoly_scheme.pdb_mon_id 
_pdbx_nonpoly_scheme.auth_mon_id 
_pdbx_nonpoly_scheme.pdb_strand_id 
_pdbx_nonpoly_scheme.pdb_ins_code 
B 2 HOH 1  101 28 HOH HOH A . 
B 2 HOH 2  102 16 HOH HOH A . 
B 2 HOH 3  103 26 HOH HOH A . 
B 2 HOH 4  104 30 HOH HOH A . 
B 2 HOH 5  105 4  HOH HOH A . 
B 2 HOH 6  106 29 HOH HOH A . 
B 2 HOH 7  107 14 HOH HOH A . 
B 2 HOH 8  108 23 HOH HOH A . 
B 2 HOH 9  109 1  HOH HOH A . 
B 2 HOH 10 110 11 HOH HOH A . 
B 2 HOH 11 111 13 HOH HOH A . 
B 2 HOH 12 112 32 HOH HOH A . 
B 2 HOH 13 113 7  HOH HOH A . 
B 2 HOH 14 114 21 HOH HOH A . 
B 2 HOH 15 115 6  HOH HOH A . 
B 2 HOH 16 116 9  HOH HOH A . 
B 2 HOH 17 117 5  HOH HOH A . 
B 2 HOH 18 118 8  HOH HOH A . 
B 2 HOH 19 119 22 HOH HOH A . 
B 2 HOH 20 120 10 HOH HOH A . 
B 2 HOH 21 121 25 HOH HOH A . 
B 2 HOH 22 122 3  HOH HOH A . 
B 2 HOH 23 123 20 HOH HOH A . 
B 2 HOH 24 124 19 HOH HOH A . 
B 2 HOH 25 125 34 HOH HOH A . 
B 2 HOH 26 126 2  HOH HOH A . 
B 2 HOH 27 127 17 HOH HOH A . 
B 2 HOH 28 128 12 HOH HOH A . 
B 2 HOH 29 129 31 HOH HOH A . 
B 2 HOH 30 130 27 HOH HOH A . 
B 2 HOH 31 131 33 HOH HOH A . 
B 2 HOH 32 132 15 HOH HOH A . 
B 2 HOH 33 133 24 HOH HOH A . 
B 2 HOH 34 134 18 HOH HOH A . 
# 
loop_
_pdbx_unobs_or_zero_occ_atoms.id 
_pdbx_unobs_or_zero_occ_atoms.PDB_model_num 
_pdbx_unobs_or_zero_occ_atoms.polymer_flag 
_pdbx_unobs_or_zero_occ_atoms.occupancy_flag 
_pdbx_unobs_or_zero_occ_atoms.auth_asym_id 
_pdbx_unobs_or_zero_occ_atoms.auth_comp_id 
_pdbx_unobs_or_zero_occ_atoms.auth_seq_id 
_pdbx_unobs_or_zero_occ_atoms.PDB_ins_code 
_pdbx_unobs_or_zero_occ_atoms.auth_atom_id 
_pdbx_unobs_or_zero_occ_atoms.label_alt_id 
_pdbx_unobs_or_zero_occ_atoms.label_asym_id 
_pdbx_unobs_or_zero_occ_atoms.label_comp_id 
_pdbx_unobs_or_zero_occ_atoms.label_seq_id 
_pdbx_unobs_or_zero_occ_atoms.label_atom_id 
1 1 Y 1 A GLU 98 ? CG  ? A GLU 81 CG  
2 1 Y 1 A GLU 98 ? CD  ? A GLU 81 CD  
3 1 Y 1 A GLU 98 ? OE1 ? A GLU 81 OE1 
4 1 Y 1 A GLU 98 ? OE2 ? A GLU 81 OE2 
# 
loop_
_software.citation_id 
_software.classification 
_software.compiler_name 
_software.compiler_version 
_software.contact_author 
_software.contact_author_email 
_software.date 
_software.description 
_software.dependencies 
_software.hardware 
_software.language 
_software.location 
_software.mods 
_software.name 
_software.os 
_software.os_version 
_software.type 
_software.version 
_software.pdbx_ordinal 
? 'data scaling'    ? ? ? ? ? ? ? ? ? ? ? HKL-2000    ? ? ? .          1 
? refinement        ? ? ? ? ? ? ? ? ? ? ? PHENIX      ? ? ? 1.8.2_1309 2 
? 'data extraction' ? ? ? ? ? ? ? ? ? ? ? PDB_EXTRACT ? ? ? 3.25       3 
? 'data reduction'  ? ? ? ? ? ? ? ? ? ? ? HKL-2000    ? ? ? .          4 
? phasing           ? ? ? ? ? ? ? ? ? ? ? PHENIX      ? ? ? .          5 
# 
_cell.angle_alpha                  90.000 
_cell.angle_alpha_esd              ? 
_cell.angle_beta                   90.000 
_cell.angle_beta_esd               ? 
_cell.angle_gamma                  120.000 
_cell.angle_gamma_esd              ? 
_cell.entry_id                     6JZA 
_cell.details                      ? 
_cell.formula_units_Z              ? 
_cell.length_a                     45.731 
_cell.length_a_esd                 ? 
_cell.length_b                     45.731 
_cell.length_b_esd                 ? 
_cell.length_c                     68.966 
_cell.length_c_esd                 ? 
_cell.volume                       ? 
_cell.volume_esd                   ? 
_cell.Z_PDB                        6 
_cell.reciprocal_angle_alpha       ? 
_cell.reciprocal_angle_beta        ? 
_cell.reciprocal_angle_gamma       ? 
_cell.reciprocal_angle_alpha_esd   ? 
_cell.reciprocal_angle_beta_esd    ? 
_cell.reciprocal_angle_gamma_esd   ? 
_cell.reciprocal_length_a          ? 
_cell.reciprocal_length_b          ? 
_cell.reciprocal_length_c          ? 
_cell.reciprocal_length_a_esd      ? 
_cell.reciprocal_length_b_esd      ? 
_cell.reciprocal_length_c_esd      ? 
_cell.pdbx_unique_axis             ? 
# 
_symmetry.entry_id                         6JZA 
_symmetry.cell_setting                     ? 
_symmetry.Int_Tables_number                171 
_symmetry.space_group_name_Hall            ? 
_symmetry.space_group_name_H-M             'P 62' 
_symmetry.pdbx_full_space_group_name_H-M   ? 
# 
_exptl.absorpt_coefficient_mu     ? 
_exptl.absorpt_correction_T_max   ? 
_exptl.absorpt_correction_T_min   ? 
_exptl.absorpt_correction_type    ? 
_exptl.absorpt_process_details    ? 
_exptl.entry_id                   6JZA 
_exptl.crystals_number            1 
_exptl.details                    ? 
_exptl.method                     'X-RAY DIFFRACTION' 
_exptl.method_details             ? 
# 
_exptl_crystal.colour                      ? 
_exptl_crystal.density_diffrn              ? 
_exptl_crystal.density_Matthews            2.31 
_exptl_crystal.density_method              ? 
_exptl_crystal.density_percent_sol         46.76 
_exptl_crystal.description                 ? 
_exptl_crystal.F_000                       ? 
_exptl_crystal.id                          1 
_exptl_crystal.preparation                 ? 
_exptl_crystal.size_max                    ? 
_exptl_crystal.size_mid                    ? 
_exptl_crystal.size_min                    ? 
_exptl_crystal.size_rad                    ? 
_exptl_crystal.colour_lustre               ? 
_exptl_crystal.colour_modifier             ? 
_exptl_crystal.colour_primary              ? 
_exptl_crystal.density_meas                ? 
_exptl_crystal.density_meas_esd            ? 
_exptl_crystal.density_meas_gt             ? 
_exptl_crystal.density_meas_lt             ? 
_exptl_crystal.density_meas_temp           ? 
_exptl_crystal.density_meas_temp_esd       ? 
_exptl_crystal.density_meas_temp_gt        ? 
_exptl_crystal.density_meas_temp_lt        ? 
_exptl_crystal.pdbx_crystal_image_url      ? 
_exptl_crystal.pdbx_crystal_image_format   ? 
_exptl_crystal.pdbx_mosaicity              ? 
_exptl_crystal.pdbx_mosaicity_esd          ? 
# 
_exptl_crystal_grow.apparatus       ? 
_exptl_crystal_grow.atmosphere      ? 
_exptl_crystal_grow.crystal_id      1 
_exptl_crystal_grow.details         ? 
_exptl_crystal_grow.method          EVAPORATION 
_exptl_crystal_grow.method_ref      ? 
_exptl_crystal_grow.pH              7.5 
_exptl_crystal_grow.pressure        ? 
_exptl_crystal_grow.pressure_esd    ? 
_exptl_crystal_grow.seeding         ? 
_exptl_crystal_grow.seeding_ref     ? 
_exptl_crystal_grow.temp            293 
_exptl_crystal_grow.temp_details    ? 
_exptl_crystal_grow.temp_esd        ? 
_exptl_crystal_grow.time            ? 
_exptl_crystal_grow.pdbx_details    '0.1 M HEPES, pH 7.5, 1.2 M Sodium citrate tribasic dihydrate' 
_exptl_crystal_grow.pdbx_pH_range   ? 
# 
_diffrn.ambient_environment              ? 
_diffrn.ambient_temp                     100 
_diffrn.ambient_temp_details             ? 
_diffrn.ambient_temp_esd                 ? 
_diffrn.crystal_id                       1 
_diffrn.crystal_support                  ? 
_diffrn.crystal_treatment                ? 
_diffrn.details                          ? 
_diffrn.id                               1 
_diffrn.ambient_pressure                 ? 
_diffrn.ambient_pressure_esd             ? 
_diffrn.ambient_pressure_gt              ? 
_diffrn.ambient_pressure_lt              ? 
_diffrn.ambient_temp_gt                  ? 
_diffrn.ambient_temp_lt                  ? 
_diffrn.pdbx_serial_crystal_experiment   N 
# 
_diffrn_detector.details                      ? 
_diffrn_detector.detector                     'IMAGE PLATE' 
_diffrn_detector.diffrn_id                    1 
_diffrn_detector.type                         RIGAKU 
_diffrn_detector.area_resol_mean              ? 
_diffrn_detector.dtime                        ? 
_diffrn_detector.pdbx_frames_total            ? 
_diffrn_detector.pdbx_collection_time_total   ? 
_diffrn_detector.pdbx_collection_date         2013-08-25 
_diffrn_detector.pdbx_frequency               ? 
# 
_diffrn_radiation.collimation                      ? 
_diffrn_radiation.diffrn_id                        1 
_diffrn_radiation.filter_edge                      ? 
_diffrn_radiation.inhomogeneity                    ? 
_diffrn_radiation.monochromator                    ? 
_diffrn_radiation.polarisn_norm                    ? 
_diffrn_radiation.polarisn_ratio                   ? 
_diffrn_radiation.probe                            ? 
_diffrn_radiation.type                             ? 
_diffrn_radiation.xray_symbol                      ? 
_diffrn_radiation.wavelength_id                    1 
_diffrn_radiation.pdbx_monochromatic_or_laue_m_l   M 
_diffrn_radiation.pdbx_wavelength_list             ? 
_diffrn_radiation.pdbx_wavelength                  ? 
_diffrn_radiation.pdbx_diffrn_protocol             'SINGLE WAVELENGTH' 
_diffrn_radiation.pdbx_analyzer                    ? 
_diffrn_radiation.pdbx_scattering_type             x-ray 
# 
_diffrn_radiation_wavelength.id           1 
_diffrn_radiation_wavelength.wavelength   1.5418 
_diffrn_radiation_wavelength.wt           1.0 
# 
_diffrn_source.current                     ? 
_diffrn_source.details                     ? 
_diffrn_source.diffrn_id                   1 
_diffrn_source.power                       ? 
_diffrn_source.size                        ? 
_diffrn_source.source                      'ROTATING ANODE' 
_diffrn_source.target                      ? 
_diffrn_source.type                        'RIGAKU MICROMAX-007 HF' 
_diffrn_source.voltage                     ? 
_diffrn_source.take-off_angle              ? 
_diffrn_source.pdbx_wavelength_list        1.5418 
_diffrn_source.pdbx_wavelength             ? 
_diffrn_source.pdbx_synchrotron_beamline   ? 
_diffrn_source.pdbx_synchrotron_site       ? 
# 
_reflns.B_iso_Wilson_estimate            ? 
_reflns.entry_id                         6JZA 
_reflns.data_reduction_details           ? 
_reflns.data_reduction_method            ? 
_reflns.d_resolution_high                2.3 
_reflns.d_resolution_low                 30 
_reflns.details                          ? 
_reflns.limit_h_max                      ? 
_reflns.limit_h_min                      ? 
_reflns.limit_k_max                      ? 
_reflns.limit_k_min                      ? 
_reflns.limit_l_max                      ? 
_reflns.limit_l_min                      ? 
_reflns.number_all                       ? 
_reflns.number_obs                       3669 
_reflns.observed_criterion               ? 
_reflns.observed_criterion_F_max         ? 
_reflns.observed_criterion_F_min         ? 
_reflns.observed_criterion_I_max         ? 
_reflns.observed_criterion_I_min         ? 
_reflns.observed_criterion_sigma_F       ? 
_reflns.observed_criterion_sigma_I       ? 
_reflns.percent_possible_obs             99.89 
_reflns.R_free_details                   ? 
_reflns.Rmerge_F_all                     ? 
_reflns.Rmerge_F_obs                     ? 
_reflns.Friedel_coverage                 ? 
_reflns.number_gt                        ? 
_reflns.threshold_expression             ? 
_reflns.pdbx_redundancy                  9.95 
_reflns.pdbx_Rmerge_I_obs                ? 
_reflns.pdbx_Rmerge_I_all                ? 
_reflns.pdbx_Rsym_value                  ? 
_reflns.pdbx_netI_over_av_sigmaI         ? 
_reflns.pdbx_netI_over_sigmaI            25.3 
_reflns.pdbx_res_netI_over_av_sigmaI_2   ? 
_reflns.pdbx_res_netI_over_sigmaI_2      ? 
_reflns.pdbx_chi_squared                 ? 
_reflns.pdbx_scaling_rejects             ? 
_reflns.pdbx_d_res_high_opt              ? 
_reflns.pdbx_d_res_low_opt               ? 
_reflns.pdbx_d_res_opt_method            ? 
_reflns.phase_calculation_details        ? 
_reflns.pdbx_Rrim_I_all                  ? 
_reflns.pdbx_Rpim_I_all                  ? 
_reflns.pdbx_d_opt                       ? 
_reflns.pdbx_number_measured_all         ? 
_reflns.pdbx_diffrn_id                   1 
_reflns.pdbx_ordinal                     1 
_reflns.pdbx_CC_half                     ? 
_reflns.pdbx_R_split                     ? 
# 
_reflns_shell.d_res_high                  2.3 
_reflns_shell.d_res_low                   2.37 
_reflns_shell.meanI_over_sigI_all         ? 
_reflns_shell.meanI_over_sigI_obs         ? 
_reflns_shell.number_measured_all         ? 
_reflns_shell.number_measured_obs         ? 
_reflns_shell.number_possible             ? 
_reflns_shell.number_unique_all           ? 
_reflns_shell.number_unique_obs           465 
_reflns_shell.percent_possible_all        99.98 
_reflns_shell.percent_possible_obs        ? 
_reflns_shell.Rmerge_F_all                ? 
_reflns_shell.Rmerge_F_obs                ? 
_reflns_shell.Rmerge_I_all                ? 
_reflns_shell.Rmerge_I_obs                ? 
_reflns_shell.meanI_over_sigI_gt          ? 
_reflns_shell.meanI_over_uI_all           ? 
_reflns_shell.meanI_over_uI_gt            ? 
_reflns_shell.number_measured_gt          ? 
_reflns_shell.number_unique_gt            ? 
_reflns_shell.percent_possible_gt         ? 
_reflns_shell.Rmerge_F_gt                 ? 
_reflns_shell.Rmerge_I_gt                 ? 
_reflns_shell.pdbx_redundancy             ? 
_reflns_shell.pdbx_Rsym_value             ? 
_reflns_shell.pdbx_chi_squared            ? 
_reflns_shell.pdbx_netI_over_sigmaI_all   ? 
_reflns_shell.pdbx_netI_over_sigmaI_obs   ? 
_reflns_shell.pdbx_Rrim_I_all             ? 
_reflns_shell.pdbx_Rpim_I_all             ? 
_reflns_shell.pdbx_rejects                ? 
_reflns_shell.pdbx_ordinal                1 
_reflns_shell.pdbx_diffrn_id              1 
_reflns_shell.pdbx_CC_half                ? 
_reflns_shell.pdbx_R_split                ? 
# 
_refine.aniso_B[1][1]                            ? 
_refine.aniso_B[1][2]                            ? 
_refine.aniso_B[1][3]                            ? 
_refine.aniso_B[2][2]                            ? 
_refine.aniso_B[2][3]                            ? 
_refine.aniso_B[3][3]                            ? 
_refine.B_iso_max                                104.570 
_refine.B_iso_mean                               35.1200 
_refine.B_iso_min                                23.680 
_refine.correlation_coeff_Fo_to_Fc               ? 
_refine.correlation_coeff_Fo_to_Fc_free          ? 
_refine.details                                  ? 
_refine.diff_density_max                         ? 
_refine.diff_density_max_esd                     ? 
_refine.diff_density_min                         ? 
_refine.diff_density_min_esd                     ? 
_refine.diff_density_rms                         ? 
_refine.diff_density_rms_esd                     ? 
_refine.entry_id                                 6JZA 
_refine.pdbx_refine_id                           'X-RAY DIFFRACTION' 
_refine.ls_abs_structure_details                 ? 
_refine.ls_abs_structure_Flack                   ? 
_refine.ls_abs_structure_Flack_esd               ? 
_refine.ls_abs_structure_Rogers                  ? 
_refine.ls_abs_structure_Rogers_esd              ? 
_refine.ls_d_res_high                            2.3000 
_refine.ls_d_res_low                             26.0070 
_refine.ls_extinction_coef                       ? 
_refine.ls_extinction_coef_esd                   ? 
_refine.ls_extinction_expression                 ? 
_refine.ls_extinction_method                     ? 
_refine.ls_goodness_of_fit_all                   ? 
_refine.ls_goodness_of_fit_all_esd               ? 
_refine.ls_goodness_of_fit_obs                   ? 
_refine.ls_goodness_of_fit_obs_esd               ? 
_refine.ls_hydrogen_treatment                    ? 
_refine.ls_matrix_type                           ? 
_refine.ls_number_constraints                    ? 
_refine.ls_number_parameters                     ? 
_refine.ls_number_reflns_all                     ? 
_refine.ls_number_reflns_obs                     3669 
_refine.ls_number_reflns_R_free                  159 
_refine.ls_number_reflns_R_work                  ? 
_refine.ls_number_restraints                     ? 
_refine.ls_percent_reflns_obs                    99.8900 
_refine.ls_percent_reflns_R_free                 4.3300 
_refine.ls_R_factor_all                          ? 
_refine.ls_R_factor_obs                          0.2036 
_refine.ls_R_factor_R_free                       0.2357 
_refine.ls_R_factor_R_free_error                 ? 
_refine.ls_R_factor_R_free_error_details         ? 
_refine.ls_R_factor_R_work                       0.2020 
_refine.ls_R_Fsqd_factor_obs                     ? 
_refine.ls_R_I_factor_obs                        ? 
_refine.ls_redundancy_reflns_all                 ? 
_refine.ls_redundancy_reflns_obs                 ? 
_refine.ls_restrained_S_all                      ? 
_refine.ls_restrained_S_obs                      ? 
_refine.ls_shift_over_esd_max                    ? 
_refine.ls_shift_over_esd_mean                   ? 
_refine.ls_structure_factor_coef                 ? 
_refine.ls_weighting_details                     ? 
_refine.ls_weighting_scheme                      ? 
_refine.ls_wR_factor_all                         ? 
_refine.ls_wR_factor_obs                         ? 
_refine.ls_wR_factor_R_free                      ? 
_refine.ls_wR_factor_R_work                      ? 
_refine.occupancy_max                            ? 
_refine.occupancy_min                            ? 
_refine.solvent_model_details                    ? 
_refine.solvent_model_param_bsol                 ? 
_refine.solvent_model_param_ksol                 ? 
_refine.ls_R_factor_gt                           ? 
_refine.ls_goodness_of_fit_gt                    ? 
_refine.ls_goodness_of_fit_ref                   ? 
_refine.ls_shift_over_su_max                     ? 
_refine.ls_shift_over_su_max_lt                  ? 
_refine.ls_shift_over_su_mean                    ? 
_refine.ls_shift_over_su_mean_lt                 ? 
_refine.pdbx_ls_sigma_I                          ? 
_refine.pdbx_ls_sigma_F                          1.420 
_refine.pdbx_ls_sigma_Fsqd                       ? 
_refine.pdbx_data_cutoff_high_absF               ? 
_refine.pdbx_data_cutoff_high_rms_absF           ? 
_refine.pdbx_data_cutoff_low_absF                ? 
_refine.pdbx_isotropic_thermal_model             ? 
_refine.pdbx_ls_cross_valid_method               THROUGHOUT 
_refine.pdbx_method_to_determine_struct          SAD 
_refine.pdbx_starting_model                      ? 
_refine.pdbx_stereochemistry_target_values       ? 
_refine.pdbx_R_Free_selection_details            ? 
_refine.pdbx_stereochem_target_val_spec_case     ? 
_refine.pdbx_overall_ESU_R                       ? 
_refine.pdbx_overall_ESU_R_Free                  ? 
_refine.pdbx_solvent_vdw_probe_radii             1.1100 
_refine.pdbx_solvent_ion_probe_radii             ? 
_refine.pdbx_solvent_shrinkage_radii             0.9000 
_refine.pdbx_real_space_R                        ? 
_refine.pdbx_density_correlation                 ? 
_refine.pdbx_pd_number_of_powder_patterns        ? 
_refine.pdbx_pd_number_of_points                 ? 
_refine.pdbx_pd_meas_number_of_points            ? 
_refine.pdbx_pd_proc_ls_prof_R_factor            ? 
_refine.pdbx_pd_proc_ls_prof_wR_factor           ? 
_refine.pdbx_pd_Marquardt_correlation_coeff      ? 
_refine.pdbx_pd_Fsqrd_R_factor                   ? 
_refine.pdbx_pd_ls_matrix_band_width             ? 
_refine.pdbx_overall_phase_error                 33.1200 
_refine.pdbx_overall_SU_R_free_Cruickshank_DPI   ? 
_refine.pdbx_overall_SU_R_free_Blow_DPI          ? 
_refine.pdbx_overall_SU_R_Blow_DPI               ? 
_refine.pdbx_TLS_residual_ADP_flag               ? 
_refine.pdbx_diffrn_id                           1 
_refine.overall_SU_B                             ? 
_refine.overall_SU_ML                            0.1600 
_refine.overall_SU_R_Cruickshank_DPI             ? 
_refine.overall_SU_R_free                        ? 
_refine.overall_FOM_free_R_set                   ? 
_refine.overall_FOM_work_R_set                   ? 
_refine.pdbx_average_fsc_overall                 ? 
_refine.pdbx_average_fsc_work                    ? 
_refine.pdbx_average_fsc_free                    ? 
# 
_refine_hist.pdbx_refine_id                   'X-RAY DIFFRACTION' 
_refine_hist.cycle_id                         final 
_refine_hist.details                          ? 
_refine_hist.d_res_high                       2.3000 
_refine_hist.d_res_low                        26.0070 
_refine_hist.number_atoms_solvent             34 
_refine_hist.number_atoms_total               652 
_refine_hist.number_reflns_all                ? 
_refine_hist.number_reflns_obs                ? 
_refine_hist.number_reflns_R_free             ? 
_refine_hist.number_reflns_R_work             ? 
_refine_hist.R_factor_all                     ? 
_refine_hist.R_factor_obs                     ? 
_refine_hist.R_factor_R_free                  ? 
_refine_hist.R_factor_R_work                  ? 
_refine_hist.pdbx_number_residues_total       81 
_refine_hist.pdbx_B_iso_mean_ligand           ? 
_refine_hist.pdbx_B_iso_mean_solvent          40.77 
_refine_hist.pdbx_number_atoms_protein        618 
_refine_hist.pdbx_number_atoms_nucleic_acid   0 
_refine_hist.pdbx_number_atoms_ligand         0 
_refine_hist.pdbx_number_atoms_lipid          ? 
_refine_hist.pdbx_number_atoms_carb           ? 
_refine_hist.pdbx_pseudo_atom_details         ? 
# 
loop_
_refine_ls_restr.pdbx_refine_id 
_refine_ls_restr.criterion 
_refine_ls_restr.dev_ideal 
_refine_ls_restr.dev_ideal_target 
_refine_ls_restr.number 
_refine_ls_restr.rejects 
_refine_ls_restr.type 
_refine_ls_restr.weight 
_refine_ls_restr.pdbx_restraint_function 
'X-RAY DIFFRACTION' ? 0.010  ? 636 ? f_bond_d           ? ? 
'X-RAY DIFFRACTION' ? 1.253  ? 848 ? f_angle_d          ? ? 
'X-RAY DIFFRACTION' ? 0.083  ? 89  ? f_chiral_restr     ? ? 
'X-RAY DIFFRACTION' ? 0.005  ? 111 ? f_plane_restr      ? ? 
'X-RAY DIFFRACTION' ? 16.845 ? 240 ? f_dihedral_angle_d ? ? 
# 
_refine_ls_shell.pdbx_refine_id                   'X-RAY DIFFRACTION' 
_refine_ls_shell.d_res_high                       2.3003 
_refine_ls_shell.d_res_low                        2.37 
_refine_ls_shell.number_reflns_all                3669 
_refine_ls_shell.number_reflns_obs                ? 
_refine_ls_shell.number_reflns_R_free             159 
_refine_ls_shell.number_reflns_R_work             3510 
_refine_ls_shell.percent_reflns_obs               100.0000 
_refine_ls_shell.percent_reflns_R_free            ? 
_refine_ls_shell.R_factor_all                     ? 
_refine_ls_shell.R_factor_obs                     ? 
_refine_ls_shell.R_factor_R_free                  0.2357 
_refine_ls_shell.R_factor_R_free_error            0.0000 
_refine_ls_shell.R_factor_R_work                  0.2020 
_refine_ls_shell.redundancy_reflns_all            ? 
_refine_ls_shell.redundancy_reflns_obs            ? 
_refine_ls_shell.wR_factor_all                    ? 
_refine_ls_shell.wR_factor_obs                    ? 
_refine_ls_shell.wR_factor_R_free                 ? 
_refine_ls_shell.wR_factor_R_work                 ? 
_refine_ls_shell.pdbx_total_number_of_bins_used   1 
_refine_ls_shell.pdbx_phase_error                 ? 
_refine_ls_shell.pdbx_fsc_work                    ? 
_refine_ls_shell.pdbx_fsc_free                    ? 
# 
_struct.entry_id                     6JZA 
_struct.title                        'Structure of Fstl1' 
_struct.pdbx_model_details           ? 
_struct.pdbx_formula_weight          ? 
_struct.pdbx_formula_weight_method   ? 
_struct.pdbx_model_type_details      ? 
_struct.pdbx_CASP_flag               N 
# 
_struct_keywords.entry_id        6JZA 
_struct_keywords.text            'TGF, development, signaling, dimer, ANTITUMOR PROTEIN' 
_struct_keywords.pdbx_keywords   'ANTITUMOR PROTEIN' 
# 
loop_
_struct_asym.id 
_struct_asym.pdbx_blank_PDB_chainid_flag 
_struct_asym.pdbx_modified 
_struct_asym.entity_id 
_struct_asym.details 
A N N 1 ? 
B N N 2 ? 
# 
_struct_ref.id                         1 
_struct_ref.db_name                    UNP 
_struct_ref.db_code                    FSTL1_MOUSE 
_struct_ref.pdbx_db_accession          Q62356 
_struct_ref.pdbx_db_isoform            ? 
_struct_ref.entity_id                  1 
_struct_ref.pdbx_seq_one_letter_code   EEPRSKSKICANVFCGAGRECAVTEKGEPTCLCIEQCKPHKRPVCGSNGKTYLNHCELHRDACLTGSKIQVDYDGHCKE 
_struct_ref.pdbx_align_begin           20 
# 
_struct_ref_seq.align_id                      1 
_struct_ref_seq.ref_id                        1 
_struct_ref_seq.pdbx_PDB_id_code              6JZA 
_struct_ref_seq.pdbx_strand_id                A 
_struct_ref_seq.seq_align_beg                 3 
_struct_ref_seq.pdbx_seq_align_beg_ins_code   ? 
_struct_ref_seq.seq_align_end                 81 
_struct_ref_seq.pdbx_seq_align_end_ins_code   ? 
_struct_ref_seq.pdbx_db_accession             Q62356 
_struct_ref_seq.db_align_beg                  20 
_struct_ref_seq.pdbx_db_align_beg_ins_code    ? 
_struct_ref_seq.db_align_end                  98 
_struct_ref_seq.pdbx_db_align_end_ins_code    ? 
_struct_ref_seq.pdbx_auth_seq_align_beg       20 
_struct_ref_seq.pdbx_auth_seq_align_end       98 
# 
loop_
_struct_ref_seq_dif.align_id 
_struct_ref_seq_dif.pdbx_pdb_id_code 
_struct_ref_seq_dif.mon_id 
_struct_ref_seq_dif.pdbx_pdb_strand_id 
_struct_ref_seq_dif.seq_num 
_struct_ref_seq_dif.pdbx_pdb_ins_code 
_struct_ref_seq_dif.pdbx_seq_db_name 
_struct_ref_seq_dif.pdbx_seq_db_accession_code 
_struct_ref_seq_dif.db_mon_id 
_struct_ref_seq_dif.pdbx_seq_db_seq_num 
_struct_ref_seq_dif.details 
_struct_ref_seq_dif.pdbx_auth_seq_num 
_struct_ref_seq_dif.pdbx_ordinal 
1 6JZA PRO A 1 ? UNP Q62356 ? ? 'expression tag' 18 1 
1 6JZA TRP A 2 ? UNP Q62356 ? ? 'expression tag' 19 2 
# 
_pdbx_struct_assembly.id                   1 
_pdbx_struct_assembly.details              author_and_software_defined_assembly 
_pdbx_struct_assembly.method_details       PISA 
_pdbx_struct_assembly.oligomeric_details   dimeric 
_pdbx_struct_assembly.oligomeric_count     2 
# 
loop_
_pdbx_struct_assembly_prop.biol_id 
_pdbx_struct_assembly_prop.type 
_pdbx_struct_assembly_prop.value 
_pdbx_struct_assembly_prop.details 
1 'ABSA (A^2)' 2860 ? 
1 MORE         -13  ? 
1 'SSA (A^2)'  9930 ? 
# 
_pdbx_struct_assembly_gen.assembly_id       1 
_pdbx_struct_assembly_gen.oper_expression   1,2 
_pdbx_struct_assembly_gen.asym_id_list      A,B 
# 
_pdbx_struct_assembly_auth_evidence.id                     1 
_pdbx_struct_assembly_auth_evidence.assembly_id            1 
_pdbx_struct_assembly_auth_evidence.experimental_support   'gel filtration' 
_pdbx_struct_assembly_auth_evidence.details                ? 
# 
loop_
_pdbx_struct_oper_list.id 
_pdbx_struct_oper_list.type 
_pdbx_struct_oper_list.name 
_pdbx_struct_oper_list.symmetry_operation 
_pdbx_struct_oper_list.matrix[1][1] 
_pdbx_struct_oper_list.matrix[1][2] 
_pdbx_struct_oper_list.matrix[1][3] 
_pdbx_struct_oper_list.vector[1] 
_pdbx_struct_oper_list.matrix[2][1] 
_pdbx_struct_oper_list.matrix[2][2] 
_pdbx_struct_oper_list.matrix[2][3] 
_pdbx_struct_oper_list.vector[2] 
_pdbx_struct_oper_list.matrix[3][1] 
_pdbx_struct_oper_list.matrix[3][2] 
_pdbx_struct_oper_list.matrix[3][3] 
_pdbx_struct_oper_list.vector[3] 
1 'identity operation'         1_555 x,y,z   1.0000000000  0.0000000000 0.0000000000  0.0000000000  0.0000000000 1.0000000000  0.0000000000  0.0000000000  0.0000000000  0.0000000000  1.0000000000 0.0000000000 
2 'crystal symmetry operation' 4_555 -x,-y,z -0.9213960634 0.1445006642 -0.3607614896 20.0121939767 0.1445006642 -0.7343588266 -0.6632018334 -2.7161964969 -0.3607614896 -0.6632018334 0.6557548900 3.2723698694 
# 
_struct_conf.conf_type_id            HELX_P 
_struct_conf.id                      HELX_P1 
_struct_conf.pdbx_PDB_helix_id       AA1 
_struct_conf.beg_label_comp_id       ASN 
_struct_conf.beg_label_asym_id       A 
_struct_conf.beg_label_seq_id        56 
_struct_conf.pdbx_beg_PDB_ins_code   ? 
_struct_conf.end_label_comp_id       GLY 
_struct_conf.end_label_asym_id       A 
_struct_conf.end_label_seq_id        68 
_struct_conf.pdbx_end_PDB_ins_code   ? 
_struct_conf.beg_auth_comp_id        ASN 
_struct_conf.beg_auth_asym_id        A 
_struct_conf.beg_auth_seq_id         73 
_struct_conf.end_auth_comp_id        GLY 
_struct_conf.end_auth_asym_id        A 
_struct_conf.end_auth_seq_id         85 
_struct_conf.pdbx_PDB_helix_class    1 
_struct_conf.details                 ? 
_struct_conf.pdbx_PDB_helix_length   13 
# 
_struct_conf_type.id          HELX_P 
_struct_conf_type.criteria    ? 
_struct_conf_type.reference   ? 
# 
loop_
_struct_conn.id 
_struct_conn.conn_type_id 
_struct_conn.pdbx_leaving_atom_flag 
_struct_conn.pdbx_PDB_id 
_struct_conn.ptnr1_label_asym_id 
_struct_conn.ptnr1_label_comp_id 
_struct_conn.ptnr1_label_seq_id 
_struct_conn.ptnr1_label_atom_id 
_struct_conn.pdbx_ptnr1_label_alt_id 
_struct_conn.pdbx_ptnr1_PDB_ins_code 
_struct_conn.pdbx_ptnr1_standard_comp_id 
_struct_conn.ptnr1_symmetry 
_struct_conn.ptnr2_label_asym_id 
_struct_conn.ptnr2_label_comp_id 
_struct_conn.ptnr2_label_seq_id 
_struct_conn.ptnr2_label_atom_id 
_struct_conn.pdbx_ptnr2_label_alt_id 
_struct_conn.pdbx_ptnr2_PDB_ins_code 
_struct_conn.ptnr1_auth_asym_id 
_struct_conn.ptnr1_auth_comp_id 
_struct_conn.ptnr1_auth_seq_id 
_struct_conn.ptnr2_auth_asym_id 
_struct_conn.ptnr2_auth_comp_id 
_struct_conn.ptnr2_auth_seq_id 
_struct_conn.ptnr2_symmetry 
_struct_conn.pdbx_ptnr3_label_atom_id 
_struct_conn.pdbx_ptnr3_label_seq_id 
_struct_conn.pdbx_ptnr3_label_comp_id 
_struct_conn.pdbx_ptnr3_label_asym_id 
_struct_conn.pdbx_ptnr3_label_alt_id 
_struct_conn.pdbx_ptnr3_PDB_ins_code 
_struct_conn.details 
_struct_conn.pdbx_dist_value 
_struct_conn.pdbx_value_order 
_struct_conn.pdbx_role 
disulf1 disulf ? ? A CYS 12 SG ? ? ? 1_555 A CYS 23 SG ? ? A CYS 29 A CYS 40 1_555 ? ? ? ? ? ? ? 2.028 ? ? 
disulf2 disulf ? ? A CYS 17 SG ? ? ? 1_555 A CYS 33 SG ? ? A CYS 34 A CYS 50 1_555 ? ? ? ? ? ? ? 2.043 ? ? 
disulf3 disulf ? ? A CYS 35 SG ? ? ? 1_555 A CYS 65 SG ? ? A CYS 52 A CYS 82 1_555 ? ? ? ? ? ? ? 2.029 ? ? 
disulf4 disulf ? ? A CYS 39 SG ? ? ? 1_555 A CYS 58 SG ? ? A CYS 56 A CYS 75 1_555 ? ? ? ? ? ? ? 2.039 ? ? 
disulf5 disulf ? ? A CYS 47 SG ? ? ? 1_555 A CYS 79 SG ? ? A CYS 64 A CYS 96 1_555 ? ? ? ? ? ? ? 2.045 ? ? 
# 
_struct_conn_type.id          disulf 
_struct_conn_type.criteria    ? 
_struct_conn_type.reference   ? 
# 
loop_
_pdbx_modification_feature.ordinal 
_pdbx_modification_feature.label_comp_id 
_pdbx_modification_feature.label_asym_id 
_pdbx_modification_feature.label_seq_id 
_pdbx_modification_feature.label_alt_id 
_pdbx_modification_feature.modified_residue_label_comp_id 
_pdbx_modification_feature.modified_residue_label_asym_id 
_pdbx_modification_feature.modified_residue_label_seq_id 
_pdbx_modification_feature.modified_residue_label_alt_id 
_pdbx_modification_feature.auth_comp_id 
_pdbx_modification_feature.auth_asym_id 
_pdbx_modification_feature.auth_seq_id 
_pdbx_modification_feature.PDB_ins_code 
_pdbx_modification_feature.symmetry 
_pdbx_modification_feature.modified_residue_auth_comp_id 
_pdbx_modification_feature.modified_residue_auth_asym_id 
_pdbx_modification_feature.modified_residue_auth_seq_id 
_pdbx_modification_feature.modified_residue_PDB_ins_code 
_pdbx_modification_feature.modified_residue_symmetry 
_pdbx_modification_feature.comp_id_linking_atom 
_pdbx_modification_feature.modified_residue_id_linking_atom 
_pdbx_modification_feature.modified_residue_id 
_pdbx_modification_feature.ref_pcm_id 
_pdbx_modification_feature.ref_comp_id 
_pdbx_modification_feature.type 
_pdbx_modification_feature.category 
1 CYS A 12 ? CYS A 23 ? CYS A 29 ? 1_555 CYS A 40 ? 1_555 SG SG . . . None 'Disulfide bridge' 
2 CYS A 17 ? CYS A 33 ? CYS A 34 ? 1_555 CYS A 50 ? 1_555 SG SG . . . None 'Disulfide bridge' 
3 CYS A 35 ? CYS A 65 ? CYS A 52 ? 1_555 CYS A 82 ? 1_555 SG SG . . . None 'Disulfide bridge' 
4 CYS A 39 ? CYS A 58 ? CYS A 56 ? 1_555 CYS A 75 ? 1_555 SG SG . . . None 'Disulfide bridge' 
5 CYS A 47 ? CYS A 79 ? CYS A 64 ? 1_555 CYS A 96 ? 1_555 SG SG . . . None 'Disulfide bridge' 
# 
_struct_mon_prot_cis.pdbx_id                1 
_struct_mon_prot_cis.label_comp_id          ALA 
_struct_mon_prot_cis.label_seq_id           13 
_struct_mon_prot_cis.label_asym_id          A 
_struct_mon_prot_cis.label_alt_id           . 
_struct_mon_prot_cis.pdbx_PDB_ins_code      ? 
_struct_mon_prot_cis.auth_comp_id           ALA 
_struct_mon_prot_cis.auth_seq_id            30 
_struct_mon_prot_cis.auth_asym_id           A 
_struct_mon_prot_cis.pdbx_label_comp_id_2   ASN 
_struct_mon_prot_cis.pdbx_label_seq_id_2    14 
_struct_mon_prot_cis.pdbx_label_asym_id_2   A 
_struct_mon_prot_cis.pdbx_PDB_ins_code_2    ? 
_struct_mon_prot_cis.pdbx_auth_comp_id_2    ASN 
_struct_mon_prot_cis.pdbx_auth_seq_id_2     31 
_struct_mon_prot_cis.pdbx_auth_asym_id_2    A 
_struct_mon_prot_cis.pdbx_PDB_model_num     1 
_struct_mon_prot_cis.pdbx_omega_angle       -18.93 
# 
loop_
_struct_sheet.id 
_struct_sheet.type 
_struct_sheet.number_strands 
_struct_sheet.details 
AA1 ? 2 ? 
AA2 ? 3 ? 
# 
loop_
_struct_sheet_order.sheet_id 
_struct_sheet_order.range_id_1 
_struct_sheet_order.range_id_2 
_struct_sheet_order.offset 
_struct_sheet_order.sense 
AA1 1 2 ? anti-parallel 
AA2 1 2 ? anti-parallel 
AA2 2 3 ? anti-parallel 
# 
loop_
_struct_sheet_range.sheet_id 
_struct_sheet_range.id 
_struct_sheet_range.beg_label_comp_id 
_struct_sheet_range.beg_label_asym_id 
_struct_sheet_range.beg_label_seq_id 
_struct_sheet_range.pdbx_beg_PDB_ins_code 
_struct_sheet_range.end_label_comp_id 
_struct_sheet_range.end_label_asym_id 
_struct_sheet_range.end_label_seq_id 
_struct_sheet_range.pdbx_end_PDB_ins_code 
_struct_sheet_range.beg_auth_comp_id 
_struct_sheet_range.beg_auth_asym_id 
_struct_sheet_range.beg_auth_seq_id 
_struct_sheet_range.end_auth_comp_id 
_struct_sheet_range.end_auth_asym_id 
_struct_sheet_range.end_auth_seq_id 
AA1 1 ARG A 21 ? VAL A 25 ? ARG A 38 VAL A 42 
AA1 2 PRO A 31 ? CYS A 35 ? PRO A 48 CYS A 52 
AA2 1 THR A 53 ? TYR A 54 ? THR A 70 TYR A 71 
AA2 2 VAL A 46 ? GLY A 48 ? VAL A 63 GLY A 65 
AA2 3 VAL A 73 ? ASP A 76 ? VAL A 90 ASP A 93 
# 
loop_
_pdbx_struct_sheet_hbond.sheet_id 
_pdbx_struct_sheet_hbond.range_id_1 
_pdbx_struct_sheet_hbond.range_id_2 
_pdbx_struct_sheet_hbond.range_1_label_atom_id 
_pdbx_struct_sheet_hbond.range_1_label_comp_id 
_pdbx_struct_sheet_hbond.range_1_label_asym_id 
_pdbx_struct_sheet_hbond.range_1_label_seq_id 
_pdbx_struct_sheet_hbond.range_1_PDB_ins_code 
_pdbx_struct_sheet_hbond.range_1_auth_atom_id 
_pdbx_struct_sheet_hbond.range_1_auth_comp_id 
_pdbx_struct_sheet_hbond.range_1_auth_asym_id 
_pdbx_struct_sheet_hbond.range_1_auth_seq_id 
_pdbx_struct_sheet_hbond.range_2_label_atom_id 
_pdbx_struct_sheet_hbond.range_2_label_comp_id 
_pdbx_struct_sheet_hbond.range_2_label_asym_id 
_pdbx_struct_sheet_hbond.range_2_label_seq_id 
_pdbx_struct_sheet_hbond.range_2_PDB_ins_code 
_pdbx_struct_sheet_hbond.range_2_auth_atom_id 
_pdbx_struct_sheet_hbond.range_2_auth_comp_id 
_pdbx_struct_sheet_hbond.range_2_auth_asym_id 
_pdbx_struct_sheet_hbond.range_2_auth_seq_id 
AA1 1 2 N GLU A 22 ? N GLU A 39 O LEU A 34 ? O LEU A 51 
AA2 1 2 O TYR A 54 ? O TYR A 71 N VAL A 46 ? N VAL A 63 
AA2 2 3 N CYS A 47 ? N CYS A 64 O TYR A 75 ? O TYR A 92 
# 
_pdbx_entry_details.entry_id                   6JZA 
_pdbx_entry_details.compound_details           ? 
_pdbx_entry_details.source_details             ? 
_pdbx_entry_details.nonpolymer_details         ? 
_pdbx_entry_details.sequence_details           ? 
_pdbx_entry_details.has_ligand_of_interest     ? 
_pdbx_entry_details.has_protein_modification   Y 
# 
_pdbx_validate_close_contact.id               1 
_pdbx_validate_close_contact.PDB_model_num    1 
_pdbx_validate_close_contact.auth_atom_id_1   O 
_pdbx_validate_close_contact.auth_asym_id_1   A 
_pdbx_validate_close_contact.auth_comp_id_1   ALA 
_pdbx_validate_close_contact.auth_seq_id_1    30 
_pdbx_validate_close_contact.PDB_ins_code_1   ? 
_pdbx_validate_close_contact.label_alt_id_1   ? 
_pdbx_validate_close_contact.auth_atom_id_2   O 
_pdbx_validate_close_contact.auth_asym_id_2   A 
_pdbx_validate_close_contact.auth_comp_id_2   HOH 
_pdbx_validate_close_contact.auth_seq_id_2    101 
_pdbx_validate_close_contact.PDB_ins_code_2   ? 
_pdbx_validate_close_contact.label_alt_id_2   ? 
_pdbx_validate_close_contact.dist             1.99 
# 
loop_
_pdbx_validate_torsion.id 
_pdbx_validate_torsion.PDB_model_num 
_pdbx_validate_torsion.auth_comp_id 
_pdbx_validate_torsion.auth_asym_id 
_pdbx_validate_torsion.auth_seq_id 
_pdbx_validate_torsion.PDB_ins_code 
_pdbx_validate_torsion.label_alt_id 
_pdbx_validate_torsion.phi 
_pdbx_validate_torsion.psi 
1 1 ASN A 67 ? ? -67.36  3.16  
2 1 LYS A 87 ? ? -107.20 72.39 
# 
loop_
_pdbx_struct_special_symmetry.id 
_pdbx_struct_special_symmetry.PDB_model_num 
_pdbx_struct_special_symmetry.auth_asym_id 
_pdbx_struct_special_symmetry.auth_comp_id 
_pdbx_struct_special_symmetry.auth_seq_id 
_pdbx_struct_special_symmetry.PDB_ins_code 
_pdbx_struct_special_symmetry.label_asym_id 
_pdbx_struct_special_symmetry.label_comp_id 
_pdbx_struct_special_symmetry.label_seq_id 
1 1 A HOH 128 ? B HOH . 
2 1 A HOH 129 ? B HOH . 
3 1 A HOH 132 ? B HOH . 
# 
loop_
_chem_comp_atom.comp_id 
_chem_comp_atom.atom_id 
_chem_comp_atom.type_symbol 
_chem_comp_atom.pdbx_aromatic_flag 
_chem_comp_atom.pdbx_stereo_config 
_chem_comp_atom.pdbx_ordinal 
ALA N    N N N 1   
ALA CA   C N S 2   
ALA C    C N N 3   
ALA O    O N N 4   
ALA CB   C N N 5   
ALA OXT  O N N 6   
ALA H    H N N 7   
ALA H2   H N N 8   
ALA HA   H N N 9   
ALA HB1  H N N 10  
ALA HB2  H N N 11  
ALA HB3  H N N 12  
ALA HXT  H N N 13  
ARG N    N N N 14  
ARG CA   C N S 15  
ARG C    C N N 16  
ARG O    O N N 17  
ARG CB   C N N 18  
ARG CG   C N N 19  
ARG CD   C N N 20  
ARG NE   N N N 21  
ARG CZ   C N N 22  
ARG NH1  N N N 23  
ARG NH2  N N N 24  
ARG OXT  O N N 25  
ARG H    H N N 26  
ARG H2   H N N 27  
ARG HA   H N N 28  
ARG HB2  H N N 29  
ARG HB3  H N N 30  
ARG HG2  H N N 31  
ARG HG3  H N N 32  
ARG HD2  H N N 33  
ARG HD3  H N N 34  
ARG HE   H N N 35  
ARG HH11 H N N 36  
ARG HH12 H N N 37  
ARG HH21 H N N 38  
ARG HH22 H N N 39  
ARG HXT  H N N 40  
ASN N    N N N 41  
ASN CA   C N S 42  
ASN C    C N N 43  
ASN O    O N N 44  
ASN CB   C N N 45  
ASN CG   C N N 46  
ASN OD1  O N N 47  
ASN ND2  N N N 48  
ASN OXT  O N N 49  
ASN H    H N N 50  
ASN H2   H N N 51  
ASN HA   H N N 52  
ASN HB2  H N N 53  
ASN HB3  H N N 54  
ASN HD21 H N N 55  
ASN HD22 H N N 56  
ASN HXT  H N N 57  
ASP N    N N N 58  
ASP CA   C N S 59  
ASP C    C N N 60  
ASP O    O N N 61  
ASP CB   C N N 62  
ASP CG   C N N 63  
ASP OD1  O N N 64  
ASP OD2  O N N 65  
ASP OXT  O N N 66  
ASP H    H N N 67  
ASP H2   H N N 68  
ASP HA   H N N 69  
ASP HB2  H N N 70  
ASP HB3  H N N 71  
ASP HD2  H N N 72  
ASP HXT  H N N 73  
CYS N    N N N 74  
CYS CA   C N R 75  
CYS C    C N N 76  
CYS O    O N N 77  
CYS CB   C N N 78  
CYS SG   S N N 79  
CYS OXT  O N N 80  
CYS H    H N N 81  
CYS H2   H N N 82  
CYS HA   H N N 83  
CYS HB2  H N N 84  
CYS HB3  H N N 85  
CYS HG   H N N 86  
CYS HXT  H N N 87  
GLN N    N N N 88  
GLN CA   C N S 89  
GLN C    C N N 90  
GLN O    O N N 91  
GLN CB   C N N 92  
GLN CG   C N N 93  
GLN CD   C N N 94  
GLN OE1  O N N 95  
GLN NE2  N N N 96  
GLN OXT  O N N 97  
GLN H    H N N 98  
GLN H2   H N N 99  
GLN HA   H N N 100 
GLN HB2  H N N 101 
GLN HB3  H N N 102 
GLN HG2  H N N 103 
GLN HG3  H N N 104 
GLN HE21 H N N 105 
GLN HE22 H N N 106 
GLN HXT  H N N 107 
GLU N    N N N 108 
GLU CA   C N S 109 
GLU C    C N N 110 
GLU O    O N N 111 
GLU CB   C N N 112 
GLU CG   C N N 113 
GLU CD   C N N 114 
GLU OE1  O N N 115 
GLU OE2  O N N 116 
GLU OXT  O N N 117 
GLU H    H N N 118 
GLU H2   H N N 119 
GLU HA   H N N 120 
GLU HB2  H N N 121 
GLU HB3  H N N 122 
GLU HG2  H N N 123 
GLU HG3  H N N 124 
GLU HE2  H N N 125 
GLU HXT  H N N 126 
GLY N    N N N 127 
GLY CA   C N N 128 
GLY C    C N N 129 
GLY O    O N N 130 
GLY OXT  O N N 131 
GLY H    H N N 132 
GLY H2   H N N 133 
GLY HA2  H N N 134 
GLY HA3  H N N 135 
GLY HXT  H N N 136 
HIS N    N N N 137 
HIS CA   C N S 138 
HIS C    C N N 139 
HIS O    O N N 140 
HIS CB   C N N 141 
HIS CG   C Y N 142 
HIS ND1  N Y N 143 
HIS CD2  C Y N 144 
HIS CE1  C Y N 145 
HIS NE2  N Y N 146 
HIS OXT  O N N 147 
HIS H    H N N 148 
HIS H2   H N N 149 
HIS HA   H N N 150 
HIS HB2  H N N 151 
HIS HB3  H N N 152 
HIS HD1  H N N 153 
HIS HD2  H N N 154 
HIS HE1  H N N 155 
HIS HE2  H N N 156 
HIS HXT  H N N 157 
HOH O    O N N 158 
HOH H1   H N N 159 
HOH H2   H N N 160 
ILE N    N N N 161 
ILE CA   C N S 162 
ILE C    C N N 163 
ILE O    O N N 164 
ILE CB   C N S 165 
ILE CG1  C N N 166 
ILE CG2  C N N 167 
ILE CD1  C N N 168 
ILE OXT  O N N 169 
ILE H    H N N 170 
ILE H2   H N N 171 
ILE HA   H N N 172 
ILE HB   H N N 173 
ILE HG12 H N N 174 
ILE HG13 H N N 175 
ILE HG21 H N N 176 
ILE HG22 H N N 177 
ILE HG23 H N N 178 
ILE HD11 H N N 179 
ILE HD12 H N N 180 
ILE HD13 H N N 181 
ILE HXT  H N N 182 
LEU N    N N N 183 
LEU CA   C N S 184 
LEU C    C N N 185 
LEU O    O N N 186 
LEU CB   C N N 187 
LEU CG   C N N 188 
LEU CD1  C N N 189 
LEU CD2  C N N 190 
LEU OXT  O N N 191 
LEU H    H N N 192 
LEU H2   H N N 193 
LEU HA   H N N 194 
LEU HB2  H N N 195 
LEU HB3  H N N 196 
LEU HG   H N N 197 
LEU HD11 H N N 198 
LEU HD12 H N N 199 
LEU HD13 H N N 200 
LEU HD21 H N N 201 
LEU HD22 H N N 202 
LEU HD23 H N N 203 
LEU HXT  H N N 204 
LYS N    N N N 205 
LYS CA   C N S 206 
LYS C    C N N 207 
LYS O    O N N 208 
LYS CB   C N N 209 
LYS CG   C N N 210 
LYS CD   C N N 211 
LYS CE   C N N 212 
LYS NZ   N N N 213 
LYS OXT  O N N 214 
LYS H    H N N 215 
LYS H2   H N N 216 
LYS HA   H N N 217 
LYS HB2  H N N 218 
LYS HB3  H N N 219 
LYS HG2  H N N 220 
LYS HG3  H N N 221 
LYS HD2  H N N 222 
LYS HD3  H N N 223 
LYS HE2  H N N 224 
LYS HE3  H N N 225 
LYS HZ1  H N N 226 
LYS HZ2  H N N 227 
LYS HZ3  H N N 228 
LYS HXT  H N N 229 
PHE N    N N N 230 
PHE CA   C N S 231 
PHE C    C N N 232 
PHE O    O N N 233 
PHE CB   C N N 234 
PHE CG   C Y N 235 
PHE CD1  C Y N 236 
PHE CD2  C Y N 237 
PHE CE1  C Y N 238 
PHE CE2  C Y N 239 
PHE CZ   C Y N 240 
PHE OXT  O N N 241 
PHE H    H N N 242 
PHE H2   H N N 243 
PHE HA   H N N 244 
PHE HB2  H N N 245 
PHE HB3  H N N 246 
PHE HD1  H N N 247 
PHE HD2  H N N 248 
PHE HE1  H N N 249 
PHE HE2  H N N 250 
PHE HZ   H N N 251 
PHE HXT  H N N 252 
PRO N    N N N 253 
PRO CA   C N S 254 
PRO C    C N N 255 
PRO O    O N N 256 
PRO CB   C N N 257 
PRO CG   C N N 258 
PRO CD   C N N 259 
PRO OXT  O N N 260 
PRO H    H N N 261 
PRO HA   H N N 262 
PRO HB2  H N N 263 
PRO HB3  H N N 264 
PRO HG2  H N N 265 
PRO HG3  H N N 266 
PRO HD2  H N N 267 
PRO HD3  H N N 268 
PRO HXT  H N N 269 
SER N    N N N 270 
SER CA   C N S 271 
SER C    C N N 272 
SER O    O N N 273 
SER CB   C N N 274 
SER OG   O N N 275 
SER OXT  O N N 276 
SER H    H N N 277 
SER H2   H N N 278 
SER HA   H N N 279 
SER HB2  H N N 280 
SER HB3  H N N 281 
SER HG   H N N 282 
SER HXT  H N N 283 
THR N    N N N 284 
THR CA   C N S 285 
THR C    C N N 286 
THR O    O N N 287 
THR CB   C N R 288 
THR OG1  O N N 289 
THR CG2  C N N 290 
THR OXT  O N N 291 
THR H    H N N 292 
THR H2   H N N 293 
THR HA   H N N 294 
THR HB   H N N 295 
THR HG1  H N N 296 
THR HG21 H N N 297 
THR HG22 H N N 298 
THR HG23 H N N 299 
THR HXT  H N N 300 
TRP N    N N N 301 
TRP CA   C N S 302 
TRP C    C N N 303 
TRP O    O N N 304 
TRP CB   C N N 305 
TRP CG   C Y N 306 
TRP CD1  C Y N 307 
TRP CD2  C Y N 308 
TRP NE1  N Y N 309 
TRP CE2  C Y N 310 
TRP CE3  C Y N 311 
TRP CZ2  C Y N 312 
TRP CZ3  C Y N 313 
TRP CH2  C Y N 314 
TRP OXT  O N N 315 
TRP H    H N N 316 
TRP H2   H N N 317 
TRP HA   H N N 318 
TRP HB2  H N N 319 
TRP HB3  H N N 320 
TRP HD1  H N N 321 
TRP HE1  H N N 322 
TRP HE3  H N N 323 
TRP HZ2  H N N 324 
TRP HZ3  H N N 325 
TRP HH2  H N N 326 
TRP HXT  H N N 327 
TYR N    N N N 328 
TYR CA   C N S 329 
TYR C    C N N 330 
TYR O    O N N 331 
TYR CB   C N N 332 
TYR CG   C Y N 333 
TYR CD1  C Y N 334 
TYR CD2  C Y N 335 
TYR CE1  C Y N 336 
TYR CE2  C Y N 337 
TYR CZ   C Y N 338 
TYR OH   O N N 339 
TYR OXT  O N N 340 
TYR H    H N N 341 
TYR H2   H N N 342 
TYR HA   H N N 343 
TYR HB2  H N N 344 
TYR HB3  H N N 345 
TYR HD1  H N N 346 
TYR HD2  H N N 347 
TYR HE1  H N N 348 
TYR HE2  H N N 349 
TYR HH   H N N 350 
TYR HXT  H N N 351 
VAL N    N N N 352 
VAL CA   C N S 353 
VAL C    C N N 354 
VAL O    O N N 355 
VAL CB   C N N 356 
VAL CG1  C N N 357 
VAL CG2  C N N 358 
VAL OXT  O N N 359 
VAL H    H N N 360 
VAL H2   H N N 361 
VAL HA   H N N 362 
VAL HB   H N N 363 
VAL HG11 H N N 364 
VAL HG12 H N N 365 
VAL HG13 H N N 366 
VAL HG21 H N N 367 
VAL HG22 H N N 368 
VAL HG23 H N N 369 
VAL HXT  H N N 370 
# 
loop_
_chem_comp_bond.comp_id 
_chem_comp_bond.atom_id_1 
_chem_comp_bond.atom_id_2 
_chem_comp_bond.value_order 
_chem_comp_bond.pdbx_aromatic_flag 
_chem_comp_bond.pdbx_stereo_config 
_chem_comp_bond.pdbx_ordinal 
ALA N   CA   sing N N 1   
ALA N   H    sing N N 2   
ALA N   H2   sing N N 3   
ALA CA  C    sing N N 4   
ALA CA  CB   sing N N 5   
ALA CA  HA   sing N N 6   
ALA C   O    doub N N 7   
ALA C   OXT  sing N N 8   
ALA CB  HB1  sing N N 9   
ALA CB  HB2  sing N N 10  
ALA CB  HB3  sing N N 11  
ALA OXT HXT  sing N N 12  
ARG N   CA   sing N N 13  
ARG N   H    sing N N 14  
ARG N   H2   sing N N 15  
ARG CA  C    sing N N 16  
ARG CA  CB   sing N N 17  
ARG CA  HA   sing N N 18  
ARG C   O    doub N N 19  
ARG C   OXT  sing N N 20  
ARG CB  CG   sing N N 21  
ARG CB  HB2  sing N N 22  
ARG CB  HB3  sing N N 23  
ARG CG  CD   sing N N 24  
ARG CG  HG2  sing N N 25  
ARG CG  HG3  sing N N 26  
ARG CD  NE   sing N N 27  
ARG CD  HD2  sing N N 28  
ARG CD  HD3  sing N N 29  
ARG NE  CZ   sing N N 30  
ARG NE  HE   sing N N 31  
ARG CZ  NH1  sing N N 32  
ARG CZ  NH2  doub N N 33  
ARG NH1 HH11 sing N N 34  
ARG NH1 HH12 sing N N 35  
ARG NH2 HH21 sing N N 36  
ARG NH2 HH22 sing N N 37  
ARG OXT HXT  sing N N 38  
ASN N   CA   sing N N 39  
ASN N   H    sing N N 40  
ASN N   H2   sing N N 41  
ASN CA  C    sing N N 42  
ASN CA  CB   sing N N 43  
ASN CA  HA   sing N N 44  
ASN C   O    doub N N 45  
ASN C   OXT  sing N N 46  
ASN CB  CG   sing N N 47  
ASN CB  HB2  sing N N 48  
ASN CB  HB3  sing N N 49  
ASN CG  OD1  doub N N 50  
ASN CG  ND2  sing N N 51  
ASN ND2 HD21 sing N N 52  
ASN ND2 HD22 sing N N 53  
ASN OXT HXT  sing N N 54  
ASP N   CA   sing N N 55  
ASP N   H    sing N N 56  
ASP N   H2   sing N N 57  
ASP CA  C    sing N N 58  
ASP CA  CB   sing N N 59  
ASP CA  HA   sing N N 60  
ASP C   O    doub N N 61  
ASP C   OXT  sing N N 62  
ASP CB  CG   sing N N 63  
ASP CB  HB2  sing N N 64  
ASP CB  HB3  sing N N 65  
ASP CG  OD1  doub N N 66  
ASP CG  OD2  sing N N 67  
ASP OD2 HD2  sing N N 68  
ASP OXT HXT  sing N N 69  
CYS N   CA   sing N N 70  
CYS N   H    sing N N 71  
CYS N   H2   sing N N 72  
CYS CA  C    sing N N 73  
CYS CA  CB   sing N N 74  
CYS CA  HA   sing N N 75  
CYS C   O    doub N N 76  
CYS C   OXT  sing N N 77  
CYS CB  SG   sing N N 78  
CYS CB  HB2  sing N N 79  
CYS CB  HB3  sing N N 80  
CYS SG  HG   sing N N 81  
CYS OXT HXT  sing N N 82  
GLN N   CA   sing N N 83  
GLN N   H    sing N N 84  
GLN N   H2   sing N N 85  
GLN CA  C    sing N N 86  
GLN CA  CB   sing N N 87  
GLN CA  HA   sing N N 88  
GLN C   O    doub N N 89  
GLN C   OXT  sing N N 90  
GLN CB  CG   sing N N 91  
GLN CB  HB2  sing N N 92  
GLN CB  HB3  sing N N 93  
GLN CG  CD   sing N N 94  
GLN CG  HG2  sing N N 95  
GLN CG  HG3  sing N N 96  
GLN CD  OE1  doub N N 97  
GLN CD  NE2  sing N N 98  
GLN NE2 HE21 sing N N 99  
GLN NE2 HE22 sing N N 100 
GLN OXT HXT  sing N N 101 
GLU N   CA   sing N N 102 
GLU N   H    sing N N 103 
GLU N   H2   sing N N 104 
GLU CA  C    sing N N 105 
GLU CA  CB   sing N N 106 
GLU CA  HA   sing N N 107 
GLU C   O    doub N N 108 
GLU C   OXT  sing N N 109 
GLU CB  CG   sing N N 110 
GLU CB  HB2  sing N N 111 
GLU CB  HB3  sing N N 112 
GLU CG  CD   sing N N 113 
GLU CG  HG2  sing N N 114 
GLU CG  HG3  sing N N 115 
GLU CD  OE1  doub N N 116 
GLU CD  OE2  sing N N 117 
GLU OE2 HE2  sing N N 118 
GLU OXT HXT  sing N N 119 
GLY N   CA   sing N N 120 
GLY N   H    sing N N 121 
GLY N   H2   sing N N 122 
GLY CA  C    sing N N 123 
GLY CA  HA2  sing N N 124 
GLY CA  HA3  sing N N 125 
GLY C   O    doub N N 126 
GLY C   OXT  sing N N 127 
GLY OXT HXT  sing N N 128 
HIS N   CA   sing N N 129 
HIS N   H    sing N N 130 
HIS N   H2   sing N N 131 
HIS CA  C    sing N N 132 
HIS CA  CB   sing N N 133 
HIS CA  HA   sing N N 134 
HIS C   O    doub N N 135 
HIS C   OXT  sing N N 136 
HIS CB  CG   sing N N 137 
HIS CB  HB2  sing N N 138 
HIS CB  HB3  sing N N 139 
HIS CG  ND1  sing Y N 140 
HIS CG  CD2  doub Y N 141 
HIS ND1 CE1  doub Y N 142 
HIS ND1 HD1  sing N N 143 
HIS CD2 NE2  sing Y N 144 
HIS CD2 HD2  sing N N 145 
HIS CE1 NE2  sing Y N 146 
HIS CE1 HE1  sing N N 147 
HIS NE2 HE2  sing N N 148 
HIS OXT HXT  sing N N 149 
HOH O   H1   sing N N 150 
HOH O   H2   sing N N 151 
ILE N   CA   sing N N 152 
ILE N   H    sing N N 153 
ILE N   H2   sing N N 154 
ILE CA  C    sing N N 155 
ILE CA  CB   sing N N 156 
ILE CA  HA   sing N N 157 
ILE C   O    doub N N 158 
ILE C   OXT  sing N N 159 
ILE CB  CG1  sing N N 160 
ILE CB  CG2  sing N N 161 
ILE CB  HB   sing N N 162 
ILE CG1 CD1  sing N N 163 
ILE CG1 HG12 sing N N 164 
ILE CG1 HG13 sing N N 165 
ILE CG2 HG21 sing N N 166 
ILE CG2 HG22 sing N N 167 
ILE CG2 HG23 sing N N 168 
ILE CD1 HD11 sing N N 169 
ILE CD1 HD12 sing N N 170 
ILE CD1 HD13 sing N N 171 
ILE OXT HXT  sing N N 172 
LEU N   CA   sing N N 173 
LEU N   H    sing N N 174 
LEU N   H2   sing N N 175 
LEU CA  C    sing N N 176 
LEU CA  CB   sing N N 177 
LEU CA  HA   sing N N 178 
LEU C   O    doub N N 179 
LEU C   OXT  sing N N 180 
LEU CB  CG   sing N N 181 
LEU CB  HB2  sing N N 182 
LEU CB  HB3  sing N N 183 
LEU CG  CD1  sing N N 184 
LEU CG  CD2  sing N N 185 
LEU CG  HG   sing N N 186 
LEU CD1 HD11 sing N N 187 
LEU CD1 HD12 sing N N 188 
LEU CD1 HD13 sing N N 189 
LEU CD2 HD21 sing N N 190 
LEU CD2 HD22 sing N N 191 
LEU CD2 HD23 sing N N 192 
LEU OXT HXT  sing N N 193 
LYS N   CA   sing N N 194 
LYS N   H    sing N N 195 
LYS N   H2   sing N N 196 
LYS CA  C    sing N N 197 
LYS CA  CB   sing N N 198 
LYS CA  HA   sing N N 199 
LYS C   O    doub N N 200 
LYS C   OXT  sing N N 201 
LYS CB  CG   sing N N 202 
LYS CB  HB2  sing N N 203 
LYS CB  HB3  sing N N 204 
LYS CG  CD   sing N N 205 
LYS CG  HG2  sing N N 206 
LYS CG  HG3  sing N N 207 
LYS CD  CE   sing N N 208 
LYS CD  HD2  sing N N 209 
LYS CD  HD3  sing N N 210 
LYS CE  NZ   sing N N 211 
LYS CE  HE2  sing N N 212 
LYS CE  HE3  sing N N 213 
LYS NZ  HZ1  sing N N 214 
LYS NZ  HZ2  sing N N 215 
LYS NZ  HZ3  sing N N 216 
LYS OXT HXT  sing N N 217 
PHE N   CA   sing N N 218 
PHE N   H    sing N N 219 
PHE N   H2   sing N N 220 
PHE CA  C    sing N N 221 
PHE CA  CB   sing N N 222 
PHE CA  HA   sing N N 223 
PHE C   O    doub N N 224 
PHE C   OXT  sing N N 225 
PHE CB  CG   sing N N 226 
PHE CB  HB2  sing N N 227 
PHE CB  HB3  sing N N 228 
PHE CG  CD1  doub Y N 229 
PHE CG  CD2  sing Y N 230 
PHE CD1 CE1  sing Y N 231 
PHE CD1 HD1  sing N N 232 
PHE CD2 CE2  doub Y N 233 
PHE CD2 HD2  sing N N 234 
PHE CE1 CZ   doub Y N 235 
PHE CE1 HE1  sing N N 236 
PHE CE2 CZ   sing Y N 237 
PHE CE2 HE2  sing N N 238 
PHE CZ  HZ   sing N N 239 
PHE OXT HXT  sing N N 240 
PRO N   CA   sing N N 241 
PRO N   CD   sing N N 242 
PRO N   H    sing N N 243 
PRO CA  C    sing N N 244 
PRO CA  CB   sing N N 245 
PRO CA  HA   sing N N 246 
PRO C   O    doub N N 247 
PRO C   OXT  sing N N 248 
PRO CB  CG   sing N N 249 
PRO CB  HB2  sing N N 250 
PRO CB  HB3  sing N N 251 
PRO CG  CD   sing N N 252 
PRO CG  HG2  sing N N 253 
PRO CG  HG3  sing N N 254 
PRO CD  HD2  sing N N 255 
PRO CD  HD3  sing N N 256 
PRO OXT HXT  sing N N 257 
SER N   CA   sing N N 258 
SER N   H    sing N N 259 
SER N   H2   sing N N 260 
SER CA  C    sing N N 261 
SER CA  CB   sing N N 262 
SER CA  HA   sing N N 263 
SER C   O    doub N N 264 
SER C   OXT  sing N N 265 
SER CB  OG   sing N N 266 
SER CB  HB2  sing N N 267 
SER CB  HB3  sing N N 268 
SER OG  HG   sing N N 269 
SER OXT HXT  sing N N 270 
THR N   CA   sing N N 271 
THR N   H    sing N N 272 
THR N   H2   sing N N 273 
THR CA  C    sing N N 274 
THR CA  CB   sing N N 275 
THR CA  HA   sing N N 276 
THR C   O    doub N N 277 
THR C   OXT  sing N N 278 
THR CB  OG1  sing N N 279 
THR CB  CG2  sing N N 280 
THR CB  HB   sing N N 281 
THR OG1 HG1  sing N N 282 
THR CG2 HG21 sing N N 283 
THR CG2 HG22 sing N N 284 
THR CG2 HG23 sing N N 285 
THR OXT HXT  sing N N 286 
TRP N   CA   sing N N 287 
TRP N   H    sing N N 288 
TRP N   H2   sing N N 289 
TRP CA  C    sing N N 290 
TRP CA  CB   sing N N 291 
TRP CA  HA   sing N N 292 
TRP C   O    doub N N 293 
TRP C   OXT  sing N N 294 
TRP CB  CG   sing N N 295 
TRP CB  HB2  sing N N 296 
TRP CB  HB3  sing N N 297 
TRP CG  CD1  doub Y N 298 
TRP CG  CD2  sing Y N 299 
TRP CD1 NE1  sing Y N 300 
TRP CD1 HD1  sing N N 301 
TRP CD2 CE2  doub Y N 302 
TRP CD2 CE3  sing Y N 303 
TRP NE1 CE2  sing Y N 304 
TRP NE1 HE1  sing N N 305 
TRP CE2 CZ2  sing Y N 306 
TRP CE3 CZ3  doub Y N 307 
TRP CE3 HE3  sing N N 308 
TRP CZ2 CH2  doub Y N 309 
TRP CZ2 HZ2  sing N N 310 
TRP CZ3 CH2  sing Y N 311 
TRP CZ3 HZ3  sing N N 312 
TRP CH2 HH2  sing N N 313 
TRP OXT HXT  sing N N 314 
TYR N   CA   sing N N 315 
TYR N   H    sing N N 316 
TYR N   H2   sing N N 317 
TYR CA  C    sing N N 318 
TYR CA  CB   sing N N 319 
TYR CA  HA   sing N N 320 
TYR C   O    doub N N 321 
TYR C   OXT  sing N N 322 
TYR CB  CG   sing N N 323 
TYR CB  HB2  sing N N 324 
TYR CB  HB3  sing N N 325 
TYR CG  CD1  doub Y N 326 
TYR CG  CD2  sing Y N 327 
TYR CD1 CE1  sing Y N 328 
TYR CD1 HD1  sing N N 329 
TYR CD2 CE2  doub Y N 330 
TYR CD2 HD2  sing N N 331 
TYR CE1 CZ   doub Y N 332 
TYR CE1 HE1  sing N N 333 
TYR CE2 CZ   sing Y N 334 
TYR CE2 HE2  sing N N 335 
TYR CZ  OH   sing N N 336 
TYR OH  HH   sing N N 337 
TYR OXT HXT  sing N N 338 
VAL N   CA   sing N N 339 
VAL N   H    sing N N 340 
VAL N   H2   sing N N 341 
VAL CA  C    sing N N 342 
VAL CA  CB   sing N N 343 
VAL CA  HA   sing N N 344 
VAL C   O    doub N N 345 
VAL C   OXT  sing N N 346 
VAL CB  CG1  sing N N 347 
VAL CB  CG2  sing N N 348 
VAL CB  HB   sing N N 349 
VAL CG1 HG11 sing N N 350 
VAL CG1 HG12 sing N N 351 
VAL CG1 HG13 sing N N 352 
VAL CG2 HG21 sing N N 353 
VAL CG2 HG22 sing N N 354 
VAL CG2 HG23 sing N N 355 
VAL OXT HXT  sing N N 356 
# 
_pdbx_audit_support.funding_organization   'National Natural Science Foundation of China' 
_pdbx_audit_support.country                China 
_pdbx_audit_support.grant_number           31870730 
_pdbx_audit_support.ordinal                1 
# 
_atom_sites.entry_id                    6JZA 
_atom_sites.fract_transf_matrix[1][1]   0.00029115 
_atom_sites.fract_transf_matrix[1][2]   0.02341601 
_atom_sites.fract_transf_matrix[1][3]   0.00944257 
_atom_sites.fract_transf_matrix[2][1]   -0.02128603 
_atom_sites.fract_transf_matrix[2][2]   0.01355871 
_atom_sites.fract_transf_matrix[2][3]   0.00079298 
_atom_sites.fract_transf_matrix[3][1]   -0.00287458 
_atom_sites.fract_transf_matrix[3][2]   -0.00528446 
_atom_sites.fract_transf_matrix[3][3]   0.01319323 
_atom_sites.fract_transf_vector[1]      0.013438 
_atom_sites.fract_transf_vector[2]      0.230107 
_atom_sites.fract_transf_vector[3]      -0.086834 
# 
loop_
_atom_type.symbol 
C 
N 
O 
S 
# 
loop_
_atom_site.group_PDB 
_atom_site.id 
_atom_site.type_symbol 
_atom_site.label_atom_id 
_atom_site.label_alt_id 
_atom_site.label_comp_id 
_atom_site.label_asym_id 
_atom_site.label_entity_id 
_atom_site.label_seq_id 
_atom_site.pdbx_PDB_ins_code 
_atom_site.Cartn_x 
_atom_site.Cartn_y 
_atom_site.Cartn_z 
_atom_site.occupancy 
_atom_site.B_iso_or_equiv 
_atom_site.pdbx_formal_charge 
_atom_site.auth_seq_id 
_atom_site.auth_comp_id 
_atom_site.auth_asym_id 
_atom_site.auth_atom_id 
_atom_site.pdbx_PDB_model_num 
ATOM   1   N N   . PRO A 1 1  ? 29.962  -11.684 -12.581 1.00 66.05  ? 18  PRO A N   1 
ATOM   2   C CA  . PRO A 1 1  ? 31.197  -11.391 -11.833 1.00 64.51  ? 18  PRO A CA  1 
ATOM   3   C C   . PRO A 1 1  ? 30.941  -11.369 -10.321 1.00 63.27  ? 18  PRO A C   1 
ATOM   4   O O   . PRO A 1 1  ? 31.677  -12.025 -9.567  1.00 60.64  ? 18  PRO A O   1 
ATOM   5   C CB  . PRO A 1 1  ? 31.619  -10.010 -12.363 1.00 60.25  ? 18  PRO A CB  1 
ATOM   6   C CG  . PRO A 1 1  ? 30.348  -9.375  -12.873 1.00 62.77  ? 18  PRO A CG  1 
ATOM   7   C CD  . PRO A 1 1  ? 29.369  -10.488 -13.214 1.00 62.94  ? 18  PRO A CD  1 
ATOM   8   N N   . TRP A 1 2  ? 29.895  -10.643 -9.912  1.00 67.83  ? 19  TRP A N   1 
ATOM   9   C CA  . TRP A 1 2  ? 29.402  -10.600 -8.529  1.00 65.66  ? 19  TRP A CA  1 
ATOM   10  C C   . TRP A 1 2  ? 28.037  -11.296 -8.406  1.00 71.38  ? 19  TRP A C   1 
ATOM   11  O O   . TRP A 1 2  ? 27.323  -11.483 -9.404  1.00 71.24  ? 19  TRP A O   1 
ATOM   12  C CB  . TRP A 1 2  ? 29.273  -9.145  -8.065  1.00 60.53  ? 19  TRP A CB  1 
ATOM   13  C CG  . TRP A 1 2  ? 28.793  -8.252  -9.162  1.00 62.72  ? 19  TRP A CG  1 
ATOM   14  C CD1 . TRP A 1 2  ? 27.517  -8.153  -9.645  1.00 62.13  ? 19  TRP A CD1 1 
ATOM   15  C CD2 . TRP A 1 2  ? 29.585  -7.338  -9.941  1.00 64.95  ? 19  TRP A CD2 1 
ATOM   16  N NE1 . TRP A 1 2  ? 27.468  -7.234  -10.670 1.00 60.21  ? 19  TRP A NE1 1 
ATOM   17  C CE2 . TRP A 1 2  ? 28.724  -6.720  -10.871 1.00 60.47  ? 19  TRP A CE2 1 
ATOM   18  C CE3 . TRP A 1 2  ? 30.943  -6.982  -9.933  1.00 63.53  ? 19  TRP A CE3 1 
ATOM   19  C CZ2 . TRP A 1 2  ? 29.175  -5.761  -11.787 1.00 59.77  ? 19  TRP A CZ2 1 
ATOM   20  C CZ3 . TRP A 1 2  ? 31.388  -6.027  -10.843 1.00 62.76  ? 19  TRP A CZ3 1 
ATOM   21  C CH2 . TRP A 1 2  ? 30.503  -5.428  -11.755 1.00 61.47  ? 19  TRP A CH2 1 
ATOM   22  N N   . GLU A 1 3  ? 27.689  -11.668 -7.174  1.00 71.01  ? 20  GLU A N   1 
ATOM   23  C CA  . GLU A 1 3  ? 26.407  -12.287 -6.830  1.00 69.71  ? 20  GLU A CA  1 
ATOM   24  C C   . GLU A 1 3  ? 25.245  -11.342 -7.163  1.00 72.59  ? 20  GLU A C   1 
ATOM   25  O O   . GLU A 1 3  ? 25.283  -10.162 -6.809  1.00 72.56  ? 20  GLU A O   1 
ATOM   26  C CB  . GLU A 1 3  ? 26.406  -12.620 -5.329  1.00 67.71  ? 20  GLU A CB  1 
ATOM   27  C CG  . GLU A 1 3  ? 25.287  -13.545 -4.842  1.00 74.66  ? 20  GLU A CG  1 
ATOM   28  C CD  . GLU A 1 3  ? 25.679  -15.016 -4.852  1.00 77.74  ? 20  GLU A CD  1 
ATOM   29  O OE1 . GLU A 1 3  ? 26.874  -15.314 -5.093  1.00 74.01  ? 20  GLU A OE1 1 
ATOM   30  O OE2 . GLU A 1 3  ? 24.784  -15.863 -4.617  1.00 77.11  ? 20  GLU A OE2 1 
ATOM   31  N N   . GLU A 1 4  ? 24.223  -11.854 -7.845  1.00 83.99  ? 21  GLU A N   1 
ATOM   32  C CA  . GLU A 1 4  ? 23.066  -11.038 -8.219  1.00 85.03  ? 21  GLU A CA  1 
ATOM   33  C C   . GLU A 1 4  ? 22.013  -11.048 -7.090  1.00 81.44  ? 21  GLU A C   1 
ATOM   34  O O   . GLU A 1 4  ? 21.793  -12.088 -6.470  1.00 79.42  ? 21  GLU A O   1 
ATOM   35  C CB  . GLU A 1 4  ? 22.500  -11.487 -9.584  1.00 87.00  ? 21  GLU A CB  1 
ATOM   36  C CG  . GLU A 1 4  ? 23.320  -10.991 -10.826 1.00 97.21  ? 21  GLU A CG  1 
ATOM   37  C CD  . GLU A 1 4  ? 24.673  -11.717 -11.052 1.00 102.74 ? 21  GLU A CD  1 
ATOM   38  O OE1 . GLU A 1 4  ? 25.568  -11.147 -11.737 1.00 96.30  ? 21  GLU A OE1 1 
ATOM   39  O OE2 . GLU A 1 4  ? 24.837  -12.860 -10.567 1.00 104.57 ? 21  GLU A OE2 1 
ATOM   40  N N   . PRO A 1 5  ? 21.385  -9.877  -6.809  1.00 57.97  ? 22  PRO A N   1 
ATOM   41  C CA  . PRO A 1 5  ? 20.517  -9.627  -5.636  1.00 47.92  ? 22  PRO A CA  1 
ATOM   42  C C   . PRO A 1 5  ? 19.492  -10.735 -5.329  1.00 49.51  ? 22  PRO A C   1 
ATOM   43  O O   . PRO A 1 5  ? 18.929  -11.309 -6.262  1.00 52.56  ? 22  PRO A O   1 
ATOM   44  C CB  . PRO A 1 5  ? 19.767  -8.346  -6.030  1.00 48.82  ? 22  PRO A CB  1 
ATOM   45  C CG  . PRO A 1 5  ? 20.679  -7.629  -6.981  1.00 50.01  ? 22  PRO A CG  1 
ATOM   46  C CD  . PRO A 1 5  ? 21.453  -8.701  -7.712  1.00 54.08  ? 22  PRO A CD  1 
ATOM   47  N N   . ARG A 1 6  ? 19.243  -11.022 -4.048  1.00 53.06  ? 23  ARG A N   1 
ATOM   48  C CA  . ARG A 1 6  ? 18.227  -12.009 -3.667  1.00 50.64  ? 23  ARG A CA  1 
ATOM   49  C C   . ARG A 1 6  ? 16.833  -11.375 -3.642  1.00 51.18  ? 23  ARG A C   1 
ATOM   50  O O   . ARG A 1 6  ? 16.700  -10.150 -3.475  1.00 46.86  ? 23  ARG A O   1 
ATOM   51  C CB  . ARG A 1 6  ? 18.535  -12.606 -2.290  1.00 50.96  ? 23  ARG A CB  1 
ATOM   52  C CG  . ARG A 1 6  ? 18.610  -14.127 -2.265  1.00 47.89  ? 23  ARG A CG  1 
ATOM   53  C CD  . ARG A 1 6  ? 18.693  -14.675 -0.839  1.00 45.24  ? 23  ARG A CD  1 
ATOM   54  N NE  . ARG A 1 6  ? 19.139  -16.067 -0.857  1.00 47.03  ? 23  ARG A NE  1 
ATOM   55  C CZ  . ARG A 1 6  ? 20.418  -16.433 -0.780  1.00 48.44  ? 23  ARG A CZ  1 
ATOM   56  N NH1 . ARG A 1 6  ? 21.358  -15.500 -0.664  1.00 48.83  ? 23  ARG A NH1 1 
ATOM   57  N NH2 . ARG A 1 6  ? 20.766  -17.721 -0.812  1.00 47.89  ? 23  ARG A NH2 1 
ATOM   58  N N   . SER A 1 7  ? 15.796  -12.204 -3.808  1.00 58.75  ? 24  SER A N   1 
ATOM   59  C CA  . SER A 1 7  ? 14.407  -11.718 -3.735  1.00 56.56  ? 24  SER A CA  1 
ATOM   60  C C   . SER A 1 7  ? 13.680  -12.099 -2.438  1.00 55.23  ? 24  SER A C   1 
ATOM   61  O O   . SER A 1 7  ? 14.039  -13.073 -1.758  1.00 57.14  ? 24  SER A O   1 
ATOM   62  C CB  . SER A 1 7  ? 13.591  -12.190 -4.942  1.00 56.86  ? 24  SER A CB  1 
ATOM   63  O OG  . SER A 1 7  ? 12.501  -11.311 -5.195  1.00 59.36  ? 24  SER A OG  1 
ATOM   64  N N   . LYS A 1 8  ? 12.657  -11.314 -2.101  1.00 49.30  ? 25  LYS A N   1 
ATOM   65  C CA  . LYS A 1 8  ? 11.794  -11.594 -0.946  1.00 48.47  ? 25  LYS A CA  1 
ATOM   66  C C   . LYS A 1 8  ? 10.567  -12.458 -1.313  1.00 49.83  ? 25  LYS A C   1 
ATOM   67  O O   . LYS A 1 8  ? 9.813   -12.888 -0.423  1.00 51.32  ? 25  LYS A O   1 
ATOM   68  C CB  . LYS A 1 8  ? 11.335  -10.289 -0.275  1.00 44.60  ? 25  LYS A CB  1 
ATOM   69  C CG  . LYS A 1 8  ? 10.686  -9.290  -1.227  1.00 40.58  ? 25  LYS A CG  1 
ATOM   70  C CD  . LYS A 1 8  ? 9.963   -8.200  -0.457  1.00 37.84  ? 25  LYS A CD  1 
ATOM   71  C CE  . LYS A 1 8  ? 9.351   -7.202  -1.423  1.00 40.60  ? 25  LYS A CE  1 
ATOM   72  N NZ  . LYS A 1 8  ? 8.469   -6.213  -0.735  1.00 42.81  ? 25  LYS A NZ  1 
ATOM   73  N N   . SER A 1 9  ? 10.376  -12.709 -2.609  1.00 63.57  ? 26  SER A N   1 
ATOM   74  C CA  . SER A 1 9  ? 9.275   -13.542 -3.092  1.00 61.77  ? 26  SER A CA  1 
ATOM   75  C C   . SER A 1 9  ? 9.145   -14.830 -2.270  1.00 62.57  ? 26  SER A C   1 
ATOM   76  O O   . SER A 1 9  ? 8.044   -15.223 -1.899  1.00 66.42  ? 26  SER A O   1 
ATOM   77  C CB  . SER A 1 9  ? 9.470   -13.866 -4.574  1.00 63.68  ? 26  SER A CB  1 
ATOM   78  O OG  . SER A 1 9  ? 10.727  -14.487 -4.798  1.00 67.74  ? 26  SER A OG  1 
ATOM   79  N N   . LYS A 1 10 ? 10.273  -15.459 -1.949  1.00 64.20  ? 27  LYS A N   1 
ATOM   80  C CA  . LYS A 1 10 ? 10.256  -16.693 -1.167  1.00 61.11  ? 27  LYS A CA  1 
ATOM   81  C C   . LYS A 1 10 ? 9.730   -16.468 0.254   1.00 58.66  ? 27  LYS A C   1 
ATOM   82  O O   . LYS A 1 10 ? 8.840   -17.183 0.698   1.00 61.01  ? 27  LYS A O   1 
ATOM   83  C CB  . LYS A 1 10 ? 11.647  -17.334 -1.141  1.00 64.48  ? 27  LYS A CB  1 
ATOM   84  C CG  . LYS A 1 10 ? 11.643  -18.858 -1.236  1.00 71.80  ? 27  LYS A CG  1 
ATOM   85  C CD  . LYS A 1 10 ? 12.068  -19.338 -2.626  1.00 78.49  ? 27  LYS A CD  1 
ATOM   86  C CE  . LYS A 1 10 ? 12.000  -20.866 -2.745  1.00 79.45  ? 27  LYS A CE  1 
ATOM   87  N NZ  . LYS A 1 10 ? 12.764  -21.375 -3.928  1.00 77.77  ? 27  LYS A NZ  1 
ATOM   88  N N   . ILE A 1 11 ? 10.270  -15.477 0.962   1.00 46.34  ? 28  ILE A N   1 
ATOM   89  C CA  . ILE A 1 11 ? 9.808   -15.183 2.320   1.00 43.55  ? 28  ILE A CA  1 
ATOM   90  C C   . ILE A 1 11 ? 8.374   -14.666 2.278   1.00 39.54  ? 28  ILE A C   1 
ATOM   91  O O   . ILE A 1 11 ? 7.597   -14.890 3.212   1.00 38.69  ? 28  ILE A O   1 
ATOM   92  C CB  . ILE A 1 11 ? 10.706  -14.132 3.035   1.00 42.47  ? 28  ILE A CB  1 
ATOM   93  C CG1 . ILE A 1 11 ? 12.183  -14.486 2.906   1.00 44.45  ? 28  ILE A CG1 1 
ATOM   94  C CG2 . ILE A 1 11 ? 10.361  -14.022 4.517   1.00 38.80  ? 28  ILE A CG2 1 
ATOM   95  C CD1 . ILE A 1 11 ? 12.602  -15.606 3.848   1.00 44.30  ? 28  ILE A CD1 1 
ATOM   96  N N   . CYS A 1 12 ? 8.024   -13.991 1.184   1.00 42.77  ? 29  CYS A N   1 
ATOM   97  C CA  . CYS A 1 12 ? 6.720   -13.332 1.074   1.00 42.08  ? 29  CYS A CA  1 
ATOM   98  C C   . CYS A 1 12 ? 5.673   -14.088 0.272   1.00 44.12  ? 29  CYS A C   1 
ATOM   99  O O   . CYS A 1 12 ? 4.647   -13.517 -0.109  1.00 48.53  ? 29  CYS A O   1 
ATOM   100 C CB  . CYS A 1 12 ? 6.859   -11.925 0.500   1.00 42.01  ? 29  CYS A CB  1 
ATOM   101 S SG  . CYS A 1 12 ? 7.302   -10.739 1.764   1.00 40.37  ? 29  CYS A SG  1 
ATOM   102 N N   . ALA A 1 13 ? 5.918   -15.366 0.010   1.00 47.84  ? 30  ALA A N   1 
ATOM   103 C CA  . ALA A 1 13 ? 4.859   -16.224 -0.512  1.00 46.05  ? 30  ALA A CA  1 
ATOM   104 C C   . ALA A 1 13 ? 4.340   -17.038 0.656   1.00 48.59  ? 30  ALA A C   1 
ATOM   105 O O   . ALA A 1 13 ? 5.111   -17.423 1.547   1.00 53.11  ? 30  ALA A O   1 
ATOM   106 C CB  . ALA A 1 13 ? 5.395   -17.140 -1.572  1.00 46.38  ? 30  ALA A CB  1 
ATOM   107 N N   . ASN A 1 14 ? 3.033   -17.246 0.705   1.00 53.38  ? 31  ASN A N   1 
ATOM   108 C CA  . ASN A 1 14 ? 2.104   -16.431 -0.030  1.00 52.51  ? 31  ASN A CA  1 
ATOM   109 C C   . ASN A 1 14 ? 1.486   -15.591 1.062   1.00 54.39  ? 31  ASN A C   1 
ATOM   110 O O   . ASN A 1 14 ? 0.634   -16.047 1.837   1.00 53.01  ? 31  ASN A O   1 
ATOM   111 C CB  . ASN A 1 14 ? 1.064   -17.274 -0.779  1.00 59.97  ? 31  ASN A CB  1 
ATOM   112 C CG  . ASN A 1 14 ? 0.466   -18.385 0.074   1.00 60.42  ? 31  ASN A CG  1 
ATOM   113 O OD1 . ASN A 1 14 ? 1.125   -19.396 0.350   1.00 61.30  ? 31  ASN A OD1 1 
ATOM   114 N ND2 . ASN A 1 14 ? -0.800  -18.215 0.474   1.00 57.56  ? 31  ASN A ND2 1 
ATOM   115 N N   . VAL A 1 15 ? 1.980   -14.370 1.167   1.00 43.97  ? 32  VAL A N   1 
ATOM   116 C CA  . VAL A 1 15 ? 1.589   -13.501 2.258   1.00 41.08  ? 32  VAL A CA  1 
ATOM   117 C C   . VAL A 1 15 ? 0.428   -12.608 1.817   1.00 38.68  ? 32  VAL A C   1 
ATOM   118 O O   . VAL A 1 15 ? 0.403   -12.123 0.684   1.00 40.62  ? 32  VAL A O   1 
ATOM   119 C CB  . VAL A 1 15 ? 2.799   -12.665 2.715   1.00 39.52  ? 32  VAL A CB  1 
ATOM   120 C CG1 . VAL A 1 15 ? 2.362   -11.578 3.678   1.00 36.53  ? 32  VAL A CG1 1 
ATOM   121 C CG2 . VAL A 1 15 ? 3.860   -13.586 3.341   1.00 36.71  ? 32  VAL A CG2 1 
ATOM   122 N N   . PHE A 1 16 ? -0.551  -12.412 2.689   1.00 39.22  ? 33  PHE A N   1 
ATOM   123 C CA  . PHE A 1 16 ? -1.595  -11.459 2.372   1.00 37.76  ? 33  PHE A CA  1 
ATOM   124 C C   . PHE A 1 16 ? -1.447  -10.205 3.205   1.00 37.83  ? 33  PHE A C   1 
ATOM   125 O O   . PHE A 1 16 ? -1.569  -10.247 4.437   1.00 37.48  ? 33  PHE A O   1 
ATOM   126 C CB  . PHE A 1 16 ? -2.984  -12.036 2.609   1.00 38.80  ? 33  PHE A CB  1 
ATOM   127 C CG  . PHE A 1 16 ? -4.070  -10.996 2.543   1.00 40.37  ? 33  PHE A CG  1 
ATOM   128 C CD1 . PHE A 1 16 ? -4.604  -10.611 1.303   1.00 40.36  ? 33  PHE A CD1 1 
ATOM   129 C CD2 . PHE A 1 16 ? -4.556  -10.393 3.713   1.00 39.60  ? 33  PHE A CD2 1 
ATOM   130 C CE1 . PHE A 1 16 ? -5.608  -9.637  1.218   1.00 40.09  ? 33  PHE A CE1 1 
ATOM   131 C CE2 . PHE A 1 16 ? -5.564  -9.412  3.650   1.00 44.21  ? 33  PHE A CE2 1 
ATOM   132 C CZ  . PHE A 1 16 ? -6.090  -9.029  2.391   1.00 41.72  ? 33  PHE A CZ  1 
ATOM   133 N N   . CYS A 1 17 ? -1.198  -9.094  2.527   1.00 42.26  ? 34  CYS A N   1 
ATOM   134 C CA  . CYS A 1 17 ? -1.246  -7.792  3.166   1.00 43.54  ? 34  CYS A CA  1 
ATOM   135 C C   . CYS A 1 17 ? -2.350  -6.984  2.494   1.00 44.61  ? 34  CYS A C   1 
ATOM   136 O O   . CYS A 1 17 ? -2.445  -6.950  1.252   1.00 45.23  ? 34  CYS A O   1 
ATOM   137 C CB  . CYS A 1 17 ? 0.097   -7.070  3.029   1.00 41.87  ? 34  CYS A CB  1 
ATOM   138 S SG  . CYS A 1 17 ? 1.530   -7.997  3.646   1.00 40.55  ? 34  CYS A SG  1 
ATOM   139 N N   . GLY A 1 18 ? -3.179  -6.337  3.314   1.00 55.67  ? 35  GLY A N   1 
ATOM   140 C CA  . GLY A 1 18 ? -4.262  -5.507  2.813   1.00 54.39  ? 35  GLY A CA  1 
ATOM   141 C C   . GLY A 1 18 ? -3.823  -4.372  1.900   1.00 56.65  ? 35  GLY A C   1 
ATOM   142 O O   . GLY A 1 18 ? -2.627  -4.180  1.610   1.00 54.25  ? 35  GLY A O   1 
ATOM   143 N N   . ALA A 1 19 ? -4.808  -3.618  1.425   1.00 49.08  ? 36  ALA A N   1 
ATOM   144 C CA  . ALA A 1 19 ? -4.527  -2.502  0.544   1.00 48.74  ? 36  ALA A CA  1 
ATOM   145 C C   . ALA A 1 19 ? -3.732  -1.435  1.315   1.00 48.57  ? 36  ALA A C   1 
ATOM   146 O O   . ALA A 1 19 ? -4.017  -1.150  2.487   1.00 47.51  ? 36  ALA A O   1 
ATOM   147 C CB  . ALA A 1 19 ? -5.819  -1.942  -0.010  1.00 47.89  ? 36  ALA A CB  1 
ATOM   148 N N   . GLY A 1 20 ? -2.718  -0.868  0.670   1.00 41.64  ? 37  GLY A N   1 
ATOM   149 C CA  . GLY A 1 20 ? -1.903  0.145   1.316   1.00 39.31  ? 37  GLY A CA  1 
ATOM   150 C C   . GLY A 1 20 ? -0.758  -0.468  2.093   1.00 37.71  ? 37  GLY A C   1 
ATOM   151 O O   . GLY A 1 20 ? 0.076   0.255   2.640   1.00 38.10  ? 37  GLY A O   1 
ATOM   152 N N   . ARG A 1 21 ? -0.728  -1.798  2.153   1.00 40.79  ? 38  ARG A N   1 
ATOM   153 C CA  . ARG A 1 21 ? 0.361   -2.526  2.802   1.00 38.75  ? 38  ARG A CA  1 
ATOM   154 C C   . ARG A 1 21 ? 0.959   -3.529  1.818   1.00 39.56  ? 38  ARG A C   1 
ATOM   155 O O   . ARG A 1 21 ? 0.278   -3.986  0.896   1.00 40.55  ? 38  ARG A O   1 
ATOM   156 C CB  . ARG A 1 21 ? -0.151  -3.261  4.043   1.00 42.81  ? 38  ARG A CB  1 
ATOM   157 C CG  . ARG A 1 21 ? -0.742  -2.346  5.126   1.00 40.88  ? 38  ARG A CG  1 
ATOM   158 C CD  . ARG A 1 21 ? -2.207  -2.675  5.429   1.00 41.93  ? 38  ARG A CD  1 
ATOM   159 N NE  . ARG A 1 21 ? -3.052  -1.505  5.219   1.00 42.58  ? 38  ARG A NE  1 
ATOM   160 C CZ  . ARG A 1 21 ? -3.381  -0.628  6.170   1.00 47.50  ? 38  ARG A CZ  1 
ATOM   161 N NH1 . ARG A 1 21 ? -2.965  -0.791  7.429   1.00 46.83  ? 38  ARG A NH1 1 
ATOM   162 N NH2 . ARG A 1 21 ? -4.143  0.418   5.862   1.00 47.45  ? 38  ARG A NH2 1 
ATOM   163 N N   . GLU A 1 22 ? 2.232   -3.861  1.996   1.00 45.31  ? 39  GLU A N   1 
ATOM   164 C CA  . GLU A 1 22 ? 2.864   -4.887  1.169   1.00 44.57  ? 39  GLU A CA  1 
ATOM   165 C C   . GLU A 1 22 ? 3.739   -5.756  2.060   1.00 44.78  ? 39  GLU A C   1 
ATOM   166 O O   . GLU A 1 22 ? 3.815   -5.528  3.263   1.00 49.09  ? 39  GLU A O   1 
ATOM   167 C CB  . GLU A 1 22 ? 3.684   -4.267  0.037   1.00 48.12  ? 39  GLU A CB  1 
ATOM   168 C CG  . GLU A 1 22 ? 4.730   -3.254  0.502   1.00 53.09  ? 39  GLU A CG  1 
ATOM   169 C CD  . GLU A 1 22 ? 5.625   -2.764  -0.634  1.00 57.75  ? 39  GLU A CD  1 
ATOM   170 O OE1 . GLU A 1 22 ? 6.395   -1.794  -0.394  1.00 52.57  ? 39  GLU A OE1 1 
ATOM   171 O OE2 . GLU A 1 22 ? 5.566   -3.359  -1.749  1.00 60.51  ? 39  GLU A OE2 1 
ATOM   172 N N   . CYS A 1 23 ? 4.394   -6.762  1.499   1.00 40.36  ? 40  CYS A N   1 
ATOM   173 C CA  . CYS A 1 23 ? 5.187   -7.636  2.352   1.00 41.46  ? 40  CYS A CA  1 
ATOM   174 C C   . CYS A 1 23 ? 6.698   -7.371  2.245   1.00 43.41  ? 40  CYS A C   1 
ATOM   175 O O   . CYS A 1 23 ? 7.243   -7.181  1.139   1.00 42.10  ? 40  CYS A O   1 
ATOM   176 C CB  . CYS A 1 23 ? 4.872   -9.104  2.064   1.00 44.05  ? 40  CYS A CB  1 
ATOM   177 S SG  . CYS A 1 23 ? 5.814   -10.279 3.063   1.00 45.17  ? 40  CYS A SG  1 
ATOM   178 N N   . ALA A 1 24 ? 7.361   -7.362  3.405   1.00 36.40  ? 41  ALA A N   1 
ATOM   179 C CA  . ALA A 1 24 ? 8.810   -7.165  3.493   1.00 34.00  ? 41  ALA A CA  1 
ATOM   180 C C   . ALA A 1 24 ? 9.375   -8.135  4.514   1.00 36.07  ? 41  ALA A C   1 
ATOM   181 O O   . ALA A 1 24 ? 8.611   -8.835  5.198   1.00 36.08  ? 41  ALA A O   1 
ATOM   182 C CB  . ALA A 1 24 ? 9.123   -5.755  3.907   1.00 39.54  ? 41  ALA A CB  1 
ATOM   183 N N   . VAL A 1 25 ? 10.703  -8.147  4.656   1.00 36.68  ? 42  VAL A N   1 
ATOM   184 C CA  . VAL A 1 25 ? 11.381  -9.125  5.515   1.00 34.61  ? 42  VAL A CA  1 
ATOM   185 C C   . VAL A 1 25 ? 11.984  -8.451  6.756   1.00 38.01  ? 42  VAL A C   1 
ATOM   186 O O   . VAL A 1 25 ? 12.768  -7.507  6.638   1.00 39.17  ? 42  VAL A O   1 
ATOM   187 C CB  . VAL A 1 25 ? 12.460  -9.868  4.711   1.00 32.18  ? 42  VAL A CB  1 
ATOM   188 C CG1 . VAL A 1 25 ? 13.074  -11.004 5.514   1.00 33.76  ? 42  VAL A CG1 1 
ATOM   189 C CG2 . VAL A 1 25 ? 11.860  -10.399 3.412   1.00 32.98  ? 42  VAL A CG2 1 
ATOM   190 N N   . THR A 1 26 ? 11.607  -8.922  7.948   1.00 43.07  ? 43  THR A N   1 
ATOM   191 C CA  . THR A 1 26 ? 12.111  -8.352  9.209   1.00 42.49  ? 43  THR A CA  1 
ATOM   192 C C   . THR A 1 26 ? 13.568  -8.722  9.406   1.00 42.08  ? 43  THR A C   1 
ATOM   193 O O   . THR A 1 26 ? 14.106  -9.493  8.617   1.00 43.07  ? 43  THR A O   1 
ATOM   194 C CB  . THR A 1 26 ? 11.349  -8.900  10.431  1.00 43.59  ? 43  THR A CB  1 
ATOM   195 O OG1 . THR A 1 26 ? 11.745  -10.261 10.681  1.00 46.31  ? 43  THR A OG1 1 
ATOM   196 C CG2 . THR A 1 26 ? 9.845   -8.827  10.215  1.00 39.22  ? 43  THR A CG2 1 
ATOM   197 N N   . GLU A 1 27 ? 14.201  -8.206  10.460  1.00 50.91  ? 44  GLU A N   1 
ATOM   198 C CA  . GLU A 1 27 ? 15.593  -8.570  10.749  1.00 53.48  ? 44  GLU A CA  1 
ATOM   199 C C   . GLU A 1 27 ? 15.742  -10.069 11.093  1.00 55.51  ? 44  GLU A C   1 
ATOM   200 O O   . GLU A 1 27 ? 16.832  -10.642 10.994  1.00 56.00  ? 44  GLU A O   1 
ATOM   201 C CB  . GLU A 1 27 ? 16.169  -7.656  11.842  1.00 57.37  ? 44  GLU A CB  1 
ATOM   202 C CG  . GLU A 1 27 ? 16.035  -6.165  11.489  1.00 54.68  ? 44  GLU A CG  1 
ATOM   203 C CD  . GLU A 1 27 ? 16.687  -5.223  12.500  1.00 53.14  ? 44  GLU A CD  1 
ATOM   204 O OE1 . GLU A 1 27 ? 16.201  -5.149  13.659  1.00 51.79  ? 44  GLU A OE1 1 
ATOM   205 O OE2 . GLU A 1 27 ? 17.671  -4.539  12.114  1.00 50.64  ? 44  GLU A OE2 1 
ATOM   206 N N   . LYS A 1 28 ? 14.626  -10.702 11.460  1.00 59.85  ? 45  LYS A N   1 
ATOM   207 C CA  . LYS A 1 28 ? 14.608  -12.129 11.785  1.00 57.71  ? 45  LYS A CA  1 
ATOM   208 C C   . LYS A 1 28 ? 14.364  -13.018 10.565  1.00 57.61  ? 45  LYS A C   1 
ATOM   209 O O   . LYS A 1 28 ? 14.226  -14.234 10.706  1.00 57.68  ? 45  LYS A O   1 
ATOM   210 C CB  . LYS A 1 28 ? 13.564  -12.424 12.881  1.00 60.49  ? 45  LYS A CB  1 
ATOM   211 C CG  . LYS A 1 28 ? 13.906  -11.787 14.245  1.00 63.45  ? 45  LYS A CG  1 
ATOM   212 C CD  . LYS A 1 28 ? 13.187  -12.459 15.420  1.00 60.29  ? 45  LYS A CD  1 
ATOM   213 C CE  . LYS A 1 28 ? 14.002  -12.301 16.709  1.00 63.22  ? 45  LYS A CE  1 
ATOM   214 N NZ  . LYS A 1 28 ? 13.316  -12.858 17.913  1.00 63.04  ? 45  LYS A NZ  1 
ATOM   215 N N   . GLY A 1 29 ? 14.306  -12.409 9.377   1.00 57.05  ? 46  GLY A N   1 
ATOM   216 C CA  . GLY A 1 29 ? 14.136  -13.146 8.127   1.00 52.71  ? 46  GLY A CA  1 
ATOM   217 C C   . GLY A 1 29 ? 12.729  -13.656 7.846   1.00 53.37  ? 46  GLY A C   1 
ATOM   218 O O   . GLY A 1 29 ? 12.556  -14.558 7.021   1.00 55.51  ? 46  GLY A O   1 
ATOM   219 N N   . GLU A 1 30 ? 11.727  -13.080 8.516   1.00 48.08  ? 47  GLU A N   1 
ATOM   220 C CA  . GLU A 1 30 ? 10.336  -13.518 8.376   1.00 48.01  ? 47  GLU A CA  1 
ATOM   221 C C   . GLU A 1 30 ? 9.467   -12.383 7.828   1.00 48.40  ? 47  GLU A C   1 
ATOM   222 O O   . GLU A 1 30 ? 9.754   -11.212 8.076   1.00 48.93  ? 47  GLU A O   1 
ATOM   223 C CB  . GLU A 1 30 ? 9.787   -13.949 9.736   1.00 51.02  ? 47  GLU A CB  1 
ATOM   224 C CG  . GLU A 1 30 ? 10.545  -15.074 10.429  1.00 57.87  ? 47  GLU A CG  1 
ATOM   225 C CD  . GLU A 1 30 ? 10.246  -15.117 11.938  1.00 64.56  ? 47  GLU A CD  1 
ATOM   226 O OE1 . GLU A 1 30 ? 10.406  -16.197 12.556  1.00 71.08  ? 47  GLU A OE1 1 
ATOM   227 O OE2 . GLU A 1 30 ? 9.848   -14.068 12.504  1.00 61.26  ? 47  GLU A OE2 1 
ATOM   228 N N   . PRO A 1 31 ? 8.369   -12.723 7.124   1.00 41.13  ? 48  PRO A N   1 
ATOM   229 C CA  . PRO A 1 31 ? 7.510   -11.727 6.454   1.00 38.20  ? 48  PRO A CA  1 
ATOM   230 C C   . PRO A 1 31 ? 6.620   -10.879 7.387   1.00 37.19  ? 48  PRO A C   1 
ATOM   231 O O   . PRO A 1 31 ? 6.073   -11.408 8.358   1.00 38.88  ? 48  PRO A O   1 
ATOM   232 C CB  . PRO A 1 31 ? 6.615   -12.600 5.568   1.00 38.12  ? 48  PRO A CB  1 
ATOM   233 C CG  . PRO A 1 31 ? 6.487   -13.896 6.342   1.00 38.73  ? 48  PRO A CG  1 
ATOM   234 C CD  . PRO A 1 31 ? 7.843   -14.098 6.977   1.00 41.57  ? 48  PRO A CD  1 
ATOM   235 N N   . THR A 1 32 ? 6.481   -9.583  7.090   1.00 38.64  ? 49  THR A N   1 
ATOM   236 C CA  . THR A 1 32 ? 5.484   -8.732  7.756   1.00 36.52  ? 49  THR A CA  1 
ATOM   237 C C   . THR A 1 32 ? 4.815   -7.903  6.718   1.00 38.09  ? 49  THR A C   1 
ATOM   238 O O   . THR A 1 32 ? 5.323   -7.760  5.589   1.00 37.82  ? 49  THR A O   1 
ATOM   239 C CB  . THR A 1 32 ? 6.091   -7.620  8.598   1.00 34.62  ? 49  THR A CB  1 
ATOM   240 O OG1 . THR A 1 32 ? 7.518   -7.691  8.533   1.00 41.95  ? 49  THR A OG1 1 
ATOM   241 C CG2 . THR A 1 32 ? 5.589   -7.652  10.029  1.00 37.29  ? 49  THR A CG2 1 
ATOM   242 N N   . CYS A 1 33 ? 3.713   -7.289  7.133   1.00 40.96  ? 50  CYS A N   1 
ATOM   243 C CA  . CYS A 1 33 ? 3.107   -6.234  6.344   1.00 42.28  ? 50  CYS A CA  1 
ATOM   244 C C   . CYS A 1 33 ? 3.472   -4.884  6.946   1.00 41.06  ? 50  CYS A C   1 
ATOM   245 O O   . CYS A 1 33 ? 3.409   -4.687  8.168   1.00 43.05  ? 50  CYS A O   1 
ATOM   246 C CB  . CYS A 1 33 ? 1.590   -6.407  6.295   1.00 42.60  ? 50  CYS A CB  1 
ATOM   247 S SG  . CYS A 1 33 ? 1.084   -8.021  5.640   1.00 39.34  ? 50  CYS A SG  1 
ATOM   248 N N   . LEU A 1 34 ? 3.884   -3.969  6.078   1.00 40.78  ? 51  LEU A N   1 
ATOM   249 C CA  . LEU A 1 34 ? 4.108   -2.583  6.450   1.00 41.00  ? 51  LEU A CA  1 
ATOM   250 C C   . LEU A 1 34 ? 3.486   -1.738  5.372   1.00 39.11  ? 51  LEU A C   1 
ATOM   251 O O   . LEU A 1 34 ? 3.132   -2.245  4.302   1.00 39.74  ? 51  LEU A O   1 
ATOM   252 C CB  . LEU A 1 34 ? 5.594   -2.284  6.528   1.00 41.53  ? 51  LEU A CB  1 
ATOM   253 C CG  . LEU A 1 34 ? 6.394   -3.037  5.474   1.00 46.81  ? 51  LEU A CG  1 
ATOM   254 C CD1 . LEU A 1 34 ? 7.073   -2.121  4.430   1.00 48.63  ? 51  LEU A CD1 1 
ATOM   255 C CD2 . LEU A 1 34 ? 7.397   -3.900  6.209   1.00 46.35  ? 51  LEU A CD2 1 
ATOM   256 N N   . CYS A 1 35 ? 3.334   -0.453  5.664   1.00 40.12  ? 52  CYS A N   1 
ATOM   257 C CA  . CYS A 1 35 ? 2.823   0.511   4.696   1.00 40.34  ? 52  CYS A CA  1 
ATOM   258 C C   . CYS A 1 35 ? 3.607   0.423   3.389   1.00 37.83  ? 52  CYS A C   1 
ATOM   259 O O   . CYS A 1 35 ? 4.829   0.207   3.401   1.00 40.69  ? 52  CYS A O   1 
ATOM   260 C CB  . CYS A 1 35 ? 2.912   1.909   5.290   1.00 38.92  ? 52  CYS A CB  1 
ATOM   261 S SG  . CYS A 1 35 ? 2.008   2.029   6.849   1.00 41.13  ? 52  CYS A SG  1 
ATOM   262 N N   . ILE A 1 36 ? 2.903   0.539   2.263   1.00 35.98  ? 53  ILE A N   1 
ATOM   263 C CA  . ILE A 1 36 ? 3.542   0.400   0.945   1.00 35.53  ? 53  ILE A CA  1 
ATOM   264 C C   . ILE A 1 36 ? 4.471   1.581   0.748   1.00 36.28  ? 53  ILE A C   1 
ATOM   265 O O   . ILE A 1 36 ? 4.096   2.724   1.047   1.00 38.32  ? 53  ILE A O   1 
ATOM   266 C CB  . ILE A 1 36 ? 2.498   0.348   -0.183  1.00 35.03  ? 53  ILE A CB  1 
ATOM   267 C CG1 . ILE A 1 36 ? 2.039   -1.083  -0.396  1.00 35.60  ? 53  ILE A CG1 1 
ATOM   268 C CG2 . ILE A 1 36 ? 3.065   0.840   -1.479  1.00 35.24  ? 53  ILE A CG2 1 
ATOM   269 C CD1 . ILE A 1 36 ? 0.727   -1.142  -1.112  1.00 41.15  ? 53  ILE A CD1 1 
ATOM   270 N N   . GLU A 1 37 ? 5.682   1.310   0.272   1.00 39.92  ? 54  GLU A N   1 
ATOM   271 C CA  . GLU A 1 37 ? 6.677   2.357   0.100   1.00 38.80  ? 54  GLU A CA  1 
ATOM   272 C C   . GLU A 1 37 ? 6.221   3.388   -0.934  1.00 40.00  ? 54  GLU A C   1 
ATOM   273 O O   . GLU A 1 37 ? 6.051   4.576   -0.616  1.00 41.12  ? 54  GLU A O   1 
ATOM   274 C CB  . GLU A 1 37 ? 8.018   1.732   -0.278  1.00 38.51  ? 54  GLU A CB  1 
ATOM   275 C CG  . GLU A 1 37 ? 9.119   2.735   -0.630  1.00 44.50  ? 54  GLU A CG  1 
ATOM   276 C CD  . GLU A 1 37 ? 9.446   3.721   0.496   1.00 44.06  ? 54  GLU A CD  1 
ATOM   277 O OE1 . GLU A 1 37 ? 9.057   3.468   1.667   1.00 45.06  ? 54  GLU A OE1 1 
ATOM   278 O OE2 . GLU A 1 37 ? 10.108  4.749   0.193   1.00 41.49  ? 54  GLU A OE2 1 
ATOM   279 N N   . GLN A 1 38 ? 5.997   2.916   -2.156  1.00 44.35  ? 55  GLN A N   1 
ATOM   280 C CA  . GLN A 1 38 ? 5.486   3.750   -3.238  1.00 43.88  ? 55  GLN A CA  1 
ATOM   281 C C   . GLN A 1 38 ? 4.346   3.009   -3.939  1.00 44.12  ? 55  GLN A C   1 
ATOM   282 O O   . GLN A 1 38 ? 4.488   1.834   -4.319  1.00 45.59  ? 55  GLN A O   1 
ATOM   283 C CB  . GLN A 1 38 ? 6.611   4.056   -4.236  1.00 45.91  ? 55  GLN A CB  1 
ATOM   284 C CG  . GLN A 1 38 ? 6.260   5.047   -5.355  1.00 46.42  ? 55  GLN A CG  1 
ATOM   285 C CD  . GLN A 1 38 ? 6.196   6.498   -4.873  1.00 53.88  ? 55  GLN A CD  1 
ATOM   286 O OE1 . GLN A 1 38 ? 5.165   7.171   -5.018  1.00 56.60  ? 55  GLN A OE1 1 
ATOM   287 N NE2 . GLN A 1 38 ? 7.306   6.993   -4.321  1.00 53.56  ? 55  GLN A NE2 1 
ATOM   288 N N   . CYS A 1 39 ? 3.210   3.681   -4.099  1.00 37.71  ? 56  CYS A N   1 
ATOM   289 C CA  . CYS A 1 39 ? 2.099   3.094   -4.836  1.00 35.29  ? 56  CYS A CA  1 
ATOM   290 C C   . CYS A 1 39 ? 2.393   3.246   -6.322  1.00 36.71  ? 56  CYS A C   1 
ATOM   291 O O   . CYS A 1 39 ? 2.983   4.256   -6.739  1.00 35.90  ? 56  CYS A O   1 
ATOM   292 C CB  . CYS A 1 39 ? 0.798   3.829   -4.519  1.00 36.26  ? 56  CYS A CB  1 
ATOM   293 S SG  . CYS A 1 39 ? 0.130   3.590   -2.861  1.00 35.95  ? 56  CYS A SG  1 
ATOM   294 N N   . LYS A 1 40 ? 2.006   2.252   -7.122  1.00 40.51  ? 57  LYS A N   1 
ATOM   295 C CA  . LYS A 1 40 ? 2.090   2.412   -8.565  1.00 36.32  ? 57  LYS A CA  1 
ATOM   296 C C   . LYS A 1 40 ? 1.182   3.570   -8.950  1.00 36.28  ? 57  LYS A C   1 
ATOM   297 O O   . LYS A 1 40 ? -0.015  3.575   -8.621  1.00 35.19  ? 57  LYS A O   1 
ATOM   298 C CB  . LYS A 1 40 ? 1.677   1.137   -9.287  1.00 35.77  ? 57  LYS A CB  1 
ATOM   299 C CG  . LYS A 1 40 ? 2.730   0.055   -9.244  1.00 38.51  ? 57  LYS A CG  1 
ATOM   300 C CD  . LYS A 1 40 ? 2.201   -1.224  -9.893  1.00 47.01  ? 57  LYS A CD  1 
ATOM   301 C CE  . LYS A 1 40 ? 3.107   -2.423  -9.594  1.00 49.32  ? 57  LYS A CE  1 
ATOM   302 N NZ  . LYS A 1 40 ? 3.139   -2.862  -8.160  1.00 48.76  ? 57  LYS A NZ  1 
ATOM   303 N N   . PRO A 1 41 ? 1.748   4.559   -9.660  1.00 39.99  ? 58  PRO A N   1 
ATOM   304 C CA  . PRO A 1 41 ? 1.062   5.810   -9.968  1.00 41.07  ? 58  PRO A CA  1 
ATOM   305 C C   . PRO A 1 41 ? 0.120   5.640   -11.169 1.00 40.32  ? 58  PRO A C   1 
ATOM   306 O O   . PRO A 1 41 ? 0.219   6.398   -12.137 1.00 41.91  ? 58  PRO A O   1 
ATOM   307 C CB  . PRO A 1 41 ? 2.226   6.750   -10.306 1.00 40.42  ? 58  PRO A CB  1 
ATOM   308 C CG  . PRO A 1 41 ? 3.232   5.844   -10.976 1.00 38.04  ? 58  PRO A CG  1 
ATOM   309 C CD  . PRO A 1 41 ? 3.039   4.459   -10.370 1.00 40.65  ? 58  PRO A CD  1 
ATOM   310 N N   . HIS A 1 42 ? -0.768  4.646   -11.104 1.00 35.35  ? 59  HIS A N   1 
ATOM   311 C CA  . HIS A 1 42 ? -1.867  4.558   -12.057 1.00 36.05  ? 59  HIS A CA  1 
ATOM   312 C C   . HIS A 1 42 ? -2.853  5.660   -11.711 1.00 37.21  ? 59  HIS A C   1 
ATOM   313 O O   . HIS A 1 42 ? -3.089  5.955   -10.528 1.00 38.23  ? 59  HIS A O   1 
ATOM   314 C CB  . HIS A 1 42 ? -2.564  3.208   -11.957 1.00 35.07  ? 59  HIS A CB  1 
ATOM   315 C CG  . HIS A 1 42 ? -1.767  2.068   -12.517 1.00 37.65  ? 59  HIS A CG  1 
ATOM   316 N ND1 . HIS A 1 42 ? -1.385  0.979   -11.756 1.00 34.87  ? 59  HIS A ND1 1 
ATOM   317 C CD2 . HIS A 1 42 ? -1.313  1.825   -13.771 1.00 38.74  ? 59  HIS A CD2 1 
ATOM   318 C CE1 . HIS A 1 42 ? -0.710  0.126   -12.510 1.00 34.03  ? 59  HIS A CE1 1 
ATOM   319 N NE2 . HIS A 1 42 ? -0.657  0.615   -13.740 1.00 38.69  ? 59  HIS A NE2 1 
ATOM   320 N N   . LYS A 1 43 ? -3.424  6.291   -12.726 1.00 38.76  ? 60  LYS A N   1 
ATOM   321 C CA  . LYS A 1 43 ? -4.351  7.380   -12.464 1.00 39.82  ? 60  LYS A CA  1 
ATOM   322 C C   . LYS A 1 43 ? -5.753  6.796   -12.321 1.00 39.54  ? 60  LYS A C   1 
ATOM   323 O O   . LYS A 1 43 ? -6.398  6.455   -13.307 1.00 41.31  ? 60  LYS A O   1 
ATOM   324 C CB  . LYS A 1 43 ? -4.303  8.418   -13.587 1.00 41.81  ? 60  LYS A CB  1 
ATOM   325 C CG  . LYS A 1 43 ? -5.117  9.670   -13.292 1.00 42.56  ? 60  LYS A CG  1 
ATOM   326 C CD  . LYS A 1 43 ? -5.383  10.470  -14.574 1.00 47.29  ? 60  LYS A CD  1 
ATOM   327 C CE  . LYS A 1 43 ? -6.451  11.547  -14.314 1.00 60.38  ? 60  LYS A CE  1 
ATOM   328 N NZ  . LYS A 1 43 ? -7.010  12.221  -15.535 1.00 66.07  ? 60  LYS A NZ  1 
ATOM   329 N N   . ARG A 1 44 ? -6.210  6.655   -11.084 1.00 36.65  ? 61  ARG A N   1 
ATOM   330 C CA  . ARG A 1 44 ? -7.511  6.063   -10.819 1.00 34.11  ? 61  ARG A CA  1 
ATOM   331 C C   . ARG A 1 44 ? -8.114  6.748   -9.622  1.00 33.97  ? 61  ARG A C   1 
ATOM   332 O O   . ARG A 1 44 ? -8.318  6.089   -8.599  1.00 37.04  ? 61  ARG A O   1 
ATOM   333 C CB  . ARG A 1 44 ? -7.339  4.578   -10.488 1.00 36.30  ? 61  ARG A CB  1 
ATOM   334 C CG  . ARG A 1 44 ? -7.508  3.642   -11.684 1.00 39.12  ? 61  ARG A CG  1 
ATOM   335 C CD  . ARG A 1 44 ? -6.212  3.057   -12.236 1.00 36.06  ? 61  ARG A CD  1 
ATOM   336 N NE  . ARG A 1 44 ? -5.830  1.805   -11.581 1.00 38.04  ? 61  ARG A NE  1 
ATOM   337 C CZ  . ARG A 1 44 ? -5.186  0.808   -12.195 1.00 38.82  ? 61  ARG A CZ  1 
ATOM   338 N NH1 . ARG A 1 44 ? -4.873  0.910   -13.484 1.00 37.70  ? 61  ARG A NH1 1 
ATOM   339 N NH2 . ARG A 1 44 ? -4.862  -0.300  -11.532 1.00 39.60  ? 61  ARG A NH2 1 
ATOM   340 N N   . PRO A 1 45 ? -8.413  8.066   -9.736  1.00 26.88  ? 62  PRO A N   1 
ATOM   341 C CA  . PRO A 1 45 ? -8.733  8.897   -8.555  1.00 27.40  ? 62  PRO A CA  1 
ATOM   342 C C   . PRO A 1 45 ? -9.828  8.286   -7.704  1.00 31.78  ? 62  PRO A C   1 
ATOM   343 O O   . PRO A 1 45 ? -10.622 7.476   -8.206  1.00 33.92  ? 62  PRO A O   1 
ATOM   344 C CB  . PRO A 1 45 ? -9.232  10.215  -9.142  1.00 23.68  ? 62  PRO A CB  1 
ATOM   345 C CG  . PRO A 1 45 ? -8.690  10.261  -10.522 1.00 27.05  ? 62  PRO A CG  1 
ATOM   346 C CD  . PRO A 1 45 ? -8.547  8.819   -10.998 1.00 27.26  ? 62  PRO A CD  1 
ATOM   347 N N   . VAL A 1 46 ? -9.880  8.670   -6.432  1.00 44.53  ? 63  VAL A N   1 
ATOM   348 C CA  . VAL A 1 46 ? -10.804 8.049   -5.498  1.00 41.75  ? 63  VAL A CA  1 
ATOM   349 C C   . VAL A 1 46 ? -11.097 9.036   -4.350  1.00 48.59  ? 63  VAL A C   1 
ATOM   350 O O   . VAL A 1 46 ? -10.220 9.832   -3.977  1.00 49.65  ? 63  VAL A O   1 
ATOM   351 C CB  . VAL A 1 46 ? -10.197 6.715   -5.026  1.00 40.45  ? 63  VAL A CB  1 
ATOM   352 C CG1 . VAL A 1 46 ? -9.664  6.797   -3.597  1.00 42.80  ? 63  VAL A CG1 1 
ATOM   353 C CG2 . VAL A 1 46 ? -11.190 5.595   -5.186  1.00 44.50  ? 63  VAL A CG2 1 
ATOM   354 N N   . CYS A 1 47 ? -12.324 9.030   -3.819  1.00 49.73  ? 64  CYS A N   1 
ATOM   355 C CA  . CYS A 1 47 ? -12.677 9.957   -2.729  1.00 49.56  ? 64  CYS A CA  1 
ATOM   356 C C   . CYS A 1 47 ? -12.809 9.269   -1.371  1.00 50.77  ? 64  CYS A C   1 
ATOM   357 O O   . CYS A 1 47 ? -13.559 8.293   -1.239  1.00 52.76  ? 64  CYS A O   1 
ATOM   358 C CB  . CYS A 1 47 ? -13.970 10.724  -3.032  1.00 52.97  ? 64  CYS A CB  1 
ATOM   359 S SG  . CYS A 1 47 ? -14.520 11.800  -1.656  1.00 53.89  ? 64  CYS A SG  1 
ATOM   360 N N   . GLY A 1 48 ? -12.104 9.788   -0.361  1.00 42.06  ? 65  GLY A N   1 
ATOM   361 C CA  . GLY A 1 48 ? -12.051 9.128   0.935   1.00 42.33  ? 65  GLY A CA  1 
ATOM   362 C C   . GLY A 1 48 ? -13.123 9.604   1.890   1.00 47.37  ? 65  GLY A C   1 
ATOM   363 O O   . GLY A 1 48 ? -13.665 10.706  1.714   1.00 50.43  ? 65  GLY A O   1 
ATOM   364 N N   . SER A 1 49 ? -13.443 8.785   2.893   1.00 51.09  ? 66  SER A N   1 
ATOM   365 C CA  . SER A 1 49 ? -14.353 9.217   3.947   1.00 53.67  ? 66  SER A CA  1 
ATOM   366 C C   . SER A 1 49 ? -13.819 10.499  4.586   1.00 54.68  ? 66  SER A C   1 
ATOM   367 O O   . SER A 1 49 ? -14.582 11.394  4.957   1.00 57.33  ? 66  SER A O   1 
ATOM   368 C CB  . SER A 1 49 ? -14.528 8.124   4.996   1.00 52.66  ? 66  SER A CB  1 
ATOM   369 O OG  . SER A 1 49 ? -13.295 7.488   5.277   1.00 53.87  ? 66  SER A OG  1 
ATOM   370 N N   . ASN A 1 50 ? -12.498 10.606  4.668   1.00 58.12  ? 67  ASN A N   1 
ATOM   371 C CA  . ASN A 1 50 ? -11.861 11.801  5.208   1.00 55.76  ? 67  ASN A CA  1 
ATOM   372 C C   . ASN A 1 50 ? -12.048 13.038  4.336   1.00 55.22  ? 67  ASN A C   1 
ATOM   373 O O   . ASN A 1 50 ? -11.510 14.106  4.642   1.00 59.30  ? 67  ASN A O   1 
ATOM   374 C CB  . ASN A 1 50 ? -10.370 11.550  5.480   1.00 56.23  ? 67  ASN A CB  1 
ATOM   375 C CG  . ASN A 1 50 ? -9.553  11.364  4.209   1.00 54.22  ? 67  ASN A CG  1 
ATOM   376 O OD1 . ASN A 1 50 ? -10.091 11.136  3.122   1.00 52.68  ? 67  ASN A OD1 1 
ATOM   377 N ND2 . ASN A 1 50 ? -8.234  11.454  4.348   1.00 57.61  ? 67  ASN A ND2 1 
ATOM   378 N N   . GLY A 1 51 ? -12.803 12.899  3.250   1.00 49.37  ? 68  GLY A N   1 
ATOM   379 C CA  . GLY A 1 51 ? -13.107 14.037  2.399   1.00 49.23  ? 68  GLY A CA  1 
ATOM   380 C C   . GLY A 1 51 ? -11.994 14.421  1.438   1.00 50.52  ? 68  GLY A C   1 
ATOM   381 O O   . GLY A 1 51 ? -12.109 15.421  0.710   1.00 51.18  ? 68  GLY A O   1 
ATOM   382 N N   . LYS A 1 52 ? -10.919 13.639  1.414   1.00 57.85  ? 69  LYS A N   1 
ATOM   383 C CA  . LYS A 1 52 ? -9.815  13.939  0.503   1.00 58.11  ? 69  LYS A CA  1 
ATOM   384 C C   . LYS A 1 52 ? -9.892  13.115  -0.787  1.00 55.64  ? 69  LYS A C   1 
ATOM   385 O O   . LYS A 1 52 ? -10.477 12.026  -0.812  1.00 56.88  ? 69  LYS A O   1 
ATOM   386 C CB  . LYS A 1 52 ? -8.463  13.743  1.210   1.00 60.93  ? 69  LYS A CB  1 
ATOM   387 C CG  . LYS A 1 52 ? -8.278  14.635  2.444   1.00 60.30  ? 69  LYS A CG  1 
ATOM   388 C CD  . LYS A 1 52 ? -6.953  14.359  3.164   1.00 65.42  ? 69  LYS A CD  1 
ATOM   389 C CE  . LYS A 1 52 ? -6.886  15.108  4.505   1.00 65.58  ? 69  LYS A CE  1 
ATOM   390 N NZ  . LYS A 1 52 ? -5.598  14.886  5.229   1.00 64.07  ? 69  LYS A NZ  1 
ATOM   391 N N   . THR A 1 53 ? -9.313  13.642  -1.860  1.00 43.19  ? 70  THR A N   1 
ATOM   392 C CA  . THR A 1 53 ? -9.236  12.913  -3.121  1.00 43.16  ? 70  THR A CA  1 
ATOM   393 C C   . THR A 1 53 ? -7.848  12.299  -3.273  1.00 43.31  ? 70  THR A C   1 
ATOM   394 O O   . THR A 1 53 ? -6.856  12.993  -3.091  1.00 47.36  ? 70  THR A O   1 
ATOM   395 C CB  . THR A 1 53 ? -9.481  13.859  -4.301  1.00 47.82  ? 70  THR A CB  1 
ATOM   396 O OG1 . THR A 1 53 ? -10.779 14.469  -4.164  1.00 52.51  ? 70  THR A OG1 1 
ATOM   397 C CG2 . THR A 1 53 ? -9.361  13.113  -5.638  1.00 41.62  ? 70  THR A CG2 1 
ATOM   398 N N   . TYR A 1 54 ? -7.769  11.010  -3.607  1.00 43.62  ? 71  TYR A N   1 
ATOM   399 C CA  . TYR A 1 54 ? -6.471  10.345  -3.783  1.00 42.90  ? 71  TYR A CA  1 
ATOM   400 C C   . TYR A 1 54 ? -6.259  9.889   -5.228  1.00 40.68  ? 71  TYR A C   1 
ATOM   401 O O   . TYR A 1 54 ? -7.218  9.601   -5.943  1.00 41.55  ? 71  TYR A O   1 
ATOM   402 C CB  . TYR A 1 54 ? -6.326  9.147   -2.830  1.00 38.96  ? 71  TYR A CB  1 
ATOM   403 C CG  . TYR A 1 54 ? -6.301  9.520   -1.369  1.00 40.92  ? 71  TYR A CG  1 
ATOM   404 C CD1 . TYR A 1 54 ? -7.481  9.650   -0.644  1.00 43.60  ? 71  TYR A CD1 1 
ATOM   405 C CD2 . TYR A 1 54 ? -5.101  9.744   -0.710  1.00 40.48  ? 71  TYR A CD2 1 
ATOM   406 C CE1 . TYR A 1 54 ? -7.467  10.003  0.706   1.00 42.82  ? 71  TYR A CE1 1 
ATOM   407 C CE2 . TYR A 1 54 ? -5.075  10.085  0.641   1.00 41.73  ? 71  TYR A CE2 1 
ATOM   408 C CZ  . TYR A 1 54 ? -6.259  10.215  1.338   1.00 43.34  ? 71  TYR A CZ  1 
ATOM   409 O OH  . TYR A 1 54 ? -6.231  10.555  2.673   1.00 48.00  ? 71  TYR A OH  1 
ATOM   410 N N   . LEU A 1 55 ? -4.998  9.802   -5.641  1.00 38.17  ? 72  LEU A N   1 
ATOM   411 C CA  . LEU A 1 55 ? -4.646  9.442   -7.013  1.00 36.73  ? 72  LEU A CA  1 
ATOM   412 C C   . LEU A 1 55 ? -5.173  8.071   -7.385  1.00 33.91  ? 72  LEU A C   1 
ATOM   413 O O   . LEU A 1 55 ? -5.503  7.813   -8.551  1.00 34.95  ? 72  LEU A O   1 
ATOM   414 C CB  . LEU A 1 55 ? -3.119  9.467   -7.195  1.00 38.05  ? 72  LEU A CB  1 
ATOM   415 C CG  . LEU A 1 55 ? -2.599  8.873   -8.501  1.00 35.12  ? 72  LEU A CG  1 
ATOM   416 C CD1 . LEU A 1 55 ? -3.133  9.666   -9.658  1.00 37.73  ? 72  LEU A CD1 1 
ATOM   417 C CD2 . LEU A 1 55 ? -1.091  8.857   -8.527  1.00 37.29  ? 72  LEU A CD2 1 
ATOM   418 N N   . ASN A 1 56 ? -5.231  7.180   -6.403  1.00 37.74  ? 73  ASN A N   1 
ATOM   419 C CA  . ASN A 1 56 ? -5.678  5.817   -6.670  1.00 38.91  ? 73  ASN A CA  1 
ATOM   420 C C   . ASN A 1 56 ? -6.016  5.071   -5.388  1.00 38.09  ? 73  ASN A C   1 
ATOM   421 O O   . ASN A 1 56 ? -5.880  5.618   -4.288  1.00 38.47  ? 73  ASN A O   1 
ATOM   422 C CB  . ASN A 1 56 ? -4.662  5.032   -7.526  1.00 35.11  ? 73  ASN A CB  1 
ATOM   423 C CG  . ASN A 1 56 ? -3.268  5.027   -6.932  1.00 34.54  ? 73  ASN A CG  1 
ATOM   424 O OD1 . ASN A 1 56 ? -3.083  4.807   -5.730  1.00 35.58  ? 73  ASN A OD1 1 
ATOM   425 N ND2 . ASN A 1 56 ? -2.272  5.263   -7.777  1.00 36.36  ? 73  ASN A ND2 1 
ATOM   426 N N   . HIS A 1 57 ? -6.455  3.827   -5.538  1.00 37.11  ? 74  HIS A N   1 
ATOM   427 C CA  . HIS A 1 57 ? -6.896  3.055   -4.395  1.00 36.91  ? 74  HIS A CA  1 
ATOM   428 C C   . HIS A 1 57 ? -5.739  2.855   -3.417  1.00 36.63  ? 74  HIS A C   1 
ATOM   429 O O   . HIS A 1 57 ? -5.883  3.121   -2.217  1.00 38.74  ? 74  HIS A O   1 
ATOM   430 C CB  . HIS A 1 57 ? -7.473  1.709   -4.852  1.00 37.64  ? 74  HIS A CB  1 
ATOM   431 C CG  . HIS A 1 57 ? -8.084  0.908   -3.747  1.00 37.22  ? 74  HIS A CG  1 
ATOM   432 N ND1 . HIS A 1 57 ? -7.500  -0.237  -3.243  1.00 38.88  ? 74  HIS A ND1 1 
ATOM   433 C CD2 . HIS A 1 57 ? -9.220  1.101   -3.032  1.00 37.31  ? 74  HIS A CD2 1 
ATOM   434 C CE1 . HIS A 1 57 ? -8.255  -0.718  -2.269  1.00 41.54  ? 74  HIS A CE1 1 
ATOM   435 N NE2 . HIS A 1 57 ? -9.303  0.076   -2.120  1.00 40.71  ? 74  HIS A NE2 1 
ATOM   436 N N   . CYS A 1 58 ? -4.595  2.398   -3.926  1.00 37.18  ? 75  CYS A N   1 
ATOM   437 C CA  . CYS A 1 58 ? -3.404  2.212   -3.094  1.00 35.32  ? 75  CYS A CA  1 
ATOM   438 C C   . CYS A 1 58 ? -3.029  3.454   -2.262  1.00 36.15  ? 75  CYS A C   1 
ATOM   439 O O   . CYS A 1 58 ? -2.731  3.324   -1.065  1.00 35.20  ? 75  CYS A O   1 
ATOM   440 C CB  . CYS A 1 58 ? -2.217  1.761   -3.952  1.00 35.29  ? 75  CYS A CB  1 
ATOM   441 S SG  . CYS A 1 58 ? -0.620  1.705   -3.065  1.00 39.91  ? 75  CYS A SG  1 
ATOM   442 N N   . GLU A 1 59 ? -3.048  4.645   -2.876  1.00 37.42  ? 76  GLU A N   1 
ATOM   443 C CA  . GLU A 1 59 ? -2.657  5.881   -2.173  1.00 36.42  ? 76  GLU A CA  1 
ATOM   444 C C   . GLU A 1 59 ? -3.561  6.224   -0.985  1.00 37.82  ? 76  GLU A C   1 
ATOM   445 O O   . GLU A 1 59 ? -3.102  6.794   0.007   1.00 37.96  ? 76  GLU A O   1 
ATOM   446 C CB  . GLU A 1 59 ? -2.616  7.086   -3.124  1.00 38.90  ? 76  GLU A CB  1 
ATOM   447 C CG  . GLU A 1 59 ? -1.487  7.079   -4.184  1.00 43.68  ? 76  GLU A CG  1 
ATOM   448 C CD  . GLU A 1 59 ? -0.103  7.506   -3.656  1.00 45.28  ? 76  GLU A CD  1 
ATOM   449 O OE1 . GLU A 1 59 ? 0.018   7.950   -2.482  1.00 44.83  ? 76  GLU A OE1 1 
ATOM   450 O OE2 . GLU A 1 59 ? 0.872   7.397   -4.438  1.00 44.12  ? 76  GLU A OE2 1 
ATOM   451 N N   . LEU A 1 60 ? -4.846  5.892   -1.093  1.00 34.48  ? 77  LEU A N   1 
ATOM   452 C CA  . LEU A 1 60 ? -5.800  6.187   -0.028  1.00 33.11  ? 77  LEU A CA  1 
ATOM   453 C C   . LEU A 1 60 ? -5.489  5.345   1.197   1.00 34.10  ? 77  LEU A C   1 
ATOM   454 O O   . LEU A 1 60 ? -5.590  5.812   2.337   1.00 34.09  ? 77  LEU A O   1 
ATOM   455 C CB  . LEU A 1 60 ? -7.248  5.907   -0.488  1.00 33.53  ? 77  LEU A CB  1 
ATOM   456 C CG  . LEU A 1 60 ? -8.350  6.040   0.590   1.00 36.21  ? 77  LEU A CG  1 
ATOM   457 C CD1 . LEU A 1 60 ? -9.629  6.588   0.000   1.00 37.24  ? 77  LEU A CD1 1 
ATOM   458 C CD2 . LEU A 1 60 ? -8.668  4.725   1.343   1.00 35.33  ? 77  LEU A CD2 1 
ATOM   459 N N   . HIS A 1 61 ? -5.155  4.078   0.969   1.00 39.84  ? 78  HIS A N   1 
ATOM   460 C CA  . HIS A 1 61 ? -4.958  3.155   2.081   1.00 37.38  ? 78  HIS A CA  1 
ATOM   461 C C   . HIS A 1 61 ? -3.551  3.261   2.633   1.00 38.67  ? 78  HIS A C   1 
ATOM   462 O O   . HIS A 1 61 ? -3.314  2.986   3.819   1.00 39.67  ? 78  HIS A O   1 
ATOM   463 C CB  . HIS A 1 61 ? -5.300  1.724   1.642   1.00 38.91  ? 78  HIS A CB  1 
ATOM   464 C CG  . HIS A 1 61 ? -6.770  1.474   1.580   1.00 37.95  ? 78  HIS A CG  1 
ATOM   465 N ND1 . HIS A 1 61 ? -7.502  1.094   2.684   1.00 38.23  ? 78  HIS A ND1 1 
ATOM   466 C CD2 . HIS A 1 61 ? -7.658  1.607   0.565   1.00 39.02  ? 78  HIS A CD2 1 
ATOM   467 C CE1 . HIS A 1 61 ? -8.777  0.989   2.349   1.00 41.29  ? 78  HIS A CE1 1 
ATOM   468 N NE2 . HIS A 1 61 ? -8.899  1.301   1.069   1.00 39.76  ? 78  HIS A NE2 1 
ATOM   469 N N   . ARG A 1 62 ? -2.619  3.657   1.767   1.00 38.34  ? 79  ARG A N   1 
ATOM   470 C CA  . ARG A 1 62 ? -1.252  3.891   2.194   1.00 37.72  ? 79  ARG A CA  1 
ATOM   471 C C   . ARG A 1 62 ? -1.254  5.052   3.181   1.00 39.79  ? 79  ARG A C   1 
ATOM   472 O O   . ARG A 1 62 ? -0.580  4.999   4.221   1.00 41.30  ? 79  ARG A O   1 
ATOM   473 C CB  . ARG A 1 62 ? -0.351  4.200   0.996   1.00 36.04  ? 79  ARG A CB  1 
ATOM   474 C CG  . ARG A 1 62 ? 1.104   4.511   1.380   1.00 37.61  ? 79  ARG A CG  1 
ATOM   475 C CD  . ARG A 1 62 ? 1.929   4.932   0.173   1.00 37.15  ? 79  ARG A CD  1 
ATOM   476 N NE  . ARG A 1 62 ? 3.235   5.435   0.592   1.00 39.78  ? 79  ARG A NE  1 
ATOM   477 C CZ  . ARG A 1 62 ? 3.488   6.712   0.866   1.00 40.51  ? 79  ARG A CZ  1 
ATOM   478 N NH1 . ARG A 1 62 ? 2.524   7.621   0.756   1.00 41.58  ? 79  ARG A NH1 1 
ATOM   479 N NH2 . ARG A 1 62 ? 4.707   7.086   1.245   1.00 42.75  ? 79  ARG A NH2 1 
ATOM   480 N N   . ASP A 1 63 ? -2.017  6.096   2.860   1.00 45.90  ? 80  ASP A N   1 
ATOM   481 C CA  . ASP A 1 63 ? -2.158  7.230   3.766   1.00 46.50  ? 80  ASP A CA  1 
ATOM   482 C C   . ASP A 1 63 ? -2.782  6.750   5.078   1.00 46.86  ? 80  ASP A C   1 
ATOM   483 O O   . ASP A 1 63 ? -2.353  7.150   6.157   1.00 51.31  ? 80  ASP A O   1 
ATOM   484 C CB  . ASP A 1 63 ? -3.020  8.332   3.128   1.00 49.96  ? 80  ASP A CB  1 
ATOM   485 C CG  . ASP A 1 63 ? -2.880  9.676   3.835   1.00 49.12  ? 80  ASP A CG  1 
ATOM   486 O OD1 . ASP A 1 63 ? -1.729  10.097  4.098   1.00 51.66  ? 80  ASP A OD1 1 
ATOM   487 O OD2 . ASP A 1 63 ? -3.918  10.313  4.121   1.00 49.88  ? 80  ASP A OD2 1 
ATOM   488 N N   . ALA A 1 64 ? -3.781  5.876   4.982   1.00 39.60  ? 81  ALA A N   1 
ATOM   489 C CA  . ALA A 1 64 ? -4.469  5.379   6.173   1.00 41.74  ? 81  ALA A CA  1 
ATOM   490 C C   . ALA A 1 64 ? -3.477  4.671   7.077   1.00 42.62  ? 81  ALA A C   1 
ATOM   491 O O   . ALA A 1 64 ? -3.500  4.822   8.303   1.00 44.03  ? 81  ALA A O   1 
ATOM   492 C CB  . ALA A 1 64 ? -5.586  4.437   5.775   1.00 44.86  ? 81  ALA A CB  1 
ATOM   493 N N   . CYS A 1 65 ? -2.602  3.902   6.437   1.00 45.78  ? 82  CYS A N   1 
ATOM   494 C CA  . CYS A 1 65 ? -1.573  3.124   7.109   1.00 43.55  ? 82  CYS A CA  1 
ATOM   495 C C   . CYS A 1 65 ? -0.482  3.986   7.744   1.00 43.84  ? 82  CYS A C   1 
ATOM   496 O O   . CYS A 1 65 ? 0.101   3.592   8.752   1.00 46.18  ? 82  CYS A O   1 
ATOM   497 C CB  . CYS A 1 65 ? -0.937  2.168   6.102   1.00 42.13  ? 82  CYS A CB  1 
ATOM   498 S SG  . CYS A 1 65 ? 0.246   1.021   6.818   1.00 41.37  ? 82  CYS A SG  1 
ATOM   499 N N   . LEU A 1 66 ? -0.186  5.143   7.150   1.00 40.14  ? 83  LEU A N   1 
ATOM   500 C CA  . LEU A 1 66 ? 0.884   6.008   7.672   1.00 37.59  ? 83  LEU A CA  1 
ATOM   501 C C   . LEU A 1 66 ? 0.409   6.823   8.852   1.00 37.43  ? 83  LEU A C   1 
ATOM   502 O O   . LEU A 1 66 ? 1.214   7.260   9.680   1.00 40.58  ? 83  LEU A O   1 
ATOM   503 C CB  . LEU A 1 66 ? 1.412   6.957   6.602   1.00 32.57  ? 83  LEU A CB  1 
ATOM   504 C CG  . LEU A 1 66 ? 2.280   6.296   5.546   1.00 33.73  ? 83  LEU A CG  1 
ATOM   505 C CD1 . LEU A 1 66 ? 2.664   7.330   4.527   1.00 38.84  ? 83  LEU A CD1 1 
ATOM   506 C CD2 . LEU A 1 66 ? 3.526   5.624   6.154   1.00 28.00  ? 83  LEU A CD2 1 
ATOM   507 N N   . THR A 1 67 ? -0.899  7.024   8.930   1.00 41.75  ? 84  THR A N   1 
ATOM   508 C CA  . THR A 1 67 ? -1.474  7.917   9.925   1.00 42.74  ? 84  THR A CA  1 
ATOM   509 C C   . THR A 1 67 ? -2.241  7.135   10.980  1.00 46.11  ? 84  THR A C   1 
ATOM   510 O O   . THR A 1 67 ? -2.733  7.721   11.954  1.00 49.94  ? 84  THR A O   1 
ATOM   511 C CB  . THR A 1 67 ? -2.444  8.927   9.273   1.00 43.04  ? 84  THR A CB  1 
ATOM   512 O OG1 . THR A 1 67 ? -3.512  8.216   8.616   1.00 42.75  ? 84  THR A OG1 1 
ATOM   513 C CG2 . THR A 1 67 ? -1.705  9.812   8.269   1.00 40.03  ? 84  THR A CG2 1 
ATOM   514 N N   . GLY A 1 68 ? -2.358  5.820   10.779  1.00 49.67  ? 85  GLY A N   1 
ATOM   515 C CA  . GLY A 1 68 ? -3.083  4.961   11.707  1.00 49.15  ? 85  GLY A CA  1 
ATOM   516 C C   . GLY A 1 68 ? -4.556  5.327   11.832  1.00 52.43  ? 85  GLY A C   1 
ATOM   517 O O   . GLY A 1 68 ? -5.226  4.914   12.790  1.00 51.02  ? 85  GLY A O   1 
ATOM   518 N N   . SER A 1 69 ? -5.055  6.099   10.863  1.00 61.47  ? 86  SER A N   1 
ATOM   519 C CA  . SER A 1 69 ? -6.444  6.548   10.860  1.00 63.04  ? 86  SER A CA  1 
ATOM   520 C C   . SER A 1 69 ? -7.365  5.602   10.106  1.00 66.84  ? 86  SER A C   1 
ATOM   521 O O   . SER A 1 69 ? -6.925  4.606   9.516   1.00 66.11  ? 86  SER A O   1 
ATOM   522 C CB  . SER A 1 69 ? -6.554  7.941   10.250  1.00 63.67  ? 86  SER A CB  1 
ATOM   523 O OG  . SER A 1 69 ? -5.852  7.993   9.025   1.00 66.51  ? 86  SER A OG  1 
ATOM   524 N N   . LYS A 1 70 ? -8.649  5.945   10.126  1.00 74.10  ? 87  LYS A N   1 
ATOM   525 C CA  . LYS A 1 70 ? -9.698  5.103   9.569   1.00 77.37  ? 87  LYS A CA  1 
ATOM   526 C C   . LYS A 1 70 ? -10.251 5.676   8.260   1.00 77.43  ? 87  LYS A C   1 
ATOM   527 O O   . LYS A 1 70 ? -11.379 6.184   8.204   1.00 77.66  ? 87  LYS A O   1 
ATOM   528 C CB  . LYS A 1 70 ? -10.829 4.934   10.598  1.00 86.36  ? 87  LYS A CB  1 
ATOM   529 C CG  . LYS A 1 70 ? -11.106 6.191   11.453  1.00 87.93  ? 87  LYS A CG  1 
ATOM   530 C CD  . LYS A 1 70 ? -12.356 6.057   12.357  1.00 85.97  ? 87  LYS A CD  1 
ATOM   531 C CE  . LYS A 1 70 ? -12.407 7.177   13.421  1.00 83.82  ? 87  LYS A CE  1 
ATOM   532 N NZ  . LYS A 1 70 ? -13.719 7.305   14.133  1.00 77.26  ? 87  LYS A NZ  1 
ATOM   533 N N   . ILE A 1 71 ? -9.456  5.590   7.200   1.00 57.85  ? 88  ILE A N   1 
ATOM   534 C CA  . ILE A 1 71 ? -9.921  6.032   5.891   1.00 53.30  ? 88  ILE A CA  1 
ATOM   535 C C   . ILE A 1 71 ? -10.409 4.830   5.075   1.00 50.24  ? 88  ILE A C   1 
ATOM   536 O O   . ILE A 1 71 ? -9.824  3.732   5.128   1.00 46.83  ? 88  ILE A O   1 
ATOM   537 C CB  . ILE A 1 71 ? -8.824  6.811   5.099   1.00 51.92  ? 88  ILE A CB  1 
ATOM   538 C CG1 . ILE A 1 71 ? -7.774  7.418   6.046   1.00 49.77  ? 88  ILE A CG1 1 
ATOM   539 C CG2 . ILE A 1 71 ? -9.457  7.899   4.225   1.00 48.80  ? 88  ILE A CG2 1 
ATOM   540 C CD1 . ILE A 1 71 ? -6.806  8.375   5.359   1.00 46.29  ? 88  ILE A CD1 1 
ATOM   541 N N   . GLN A 1 72 ? -11.501 5.036   4.344   1.00 50.38  ? 89  GLN A N   1 
ATOM   542 C CA  . GLN A 1 72 ? -11.941 4.076   3.345   1.00 49.01  ? 89  GLN A CA  1 
ATOM   543 C C   . GLN A 1 72 ? -12.458 4.876   2.155   1.00 49.27  ? 89  GLN A C   1 
ATOM   544 O O   . GLN A 1 72 ? -12.741 6.080   2.276   1.00 47.42  ? 89  GLN A O   1 
ATOM   545 C CB  . GLN A 1 72 ? -13.031 3.155   3.904   1.00 50.94  ? 89  GLN A CB  1 
ATOM   546 C CG  . GLN A 1 72 ? -14.290 3.910   4.355   1.00 56.47  ? 89  GLN A CG  1 
ATOM   547 C CD  . GLN A 1 72 ? -15.479 2.989   4.613   1.00 60.49  ? 89  GLN A CD  1 
ATOM   548 O OE1 . GLN A 1 72 ? -15.393 2.037   5.402   1.00 63.43  ? 89  GLN A OE1 1 
ATOM   549 N NE2 . GLN A 1 72 ? -16.599 3.271   3.943   1.00 53.52  ? 89  GLN A NE2 1 
ATOM   550 N N   . VAL A 1 73 ? -12.549 4.215   1.001   1.00 47.67  ? 90  VAL A N   1 
ATOM   551 C CA  . VAL A 1 73 ? -13.166 4.811   -0.181  1.00 46.64  ? 90  VAL A CA  1 
ATOM   552 C C   . VAL A 1 73 ? -14.679 4.841   0.032   1.00 48.93  ? 90  VAL A C   1 
ATOM   553 O O   . VAL A 1 73 ? -15.273 3.781   0.296   1.00 52.82  ? 90  VAL A O   1 
ATOM   554 C CB  . VAL A 1 73 ? -12.900 3.938   -1.435  1.00 43.95  ? 90  VAL A CB  1 
ATOM   555 C CG1 . VAL A 1 73 ? -13.410 4.633   -2.695  1.00 41.81  ? 90  VAL A CG1 1 
ATOM   556 C CG2 . VAL A 1 73 ? -11.425 3.583   -1.560  1.00 43.60  ? 90  VAL A CG2 1 
ATOM   557 N N   . ASP A 1 74 ? -15.324 6.003   -0.088  1.00 68.27  ? 91  ASP A N   1 
ATOM   558 C CA  . ASP A 1 74 ? -16.792 5.977   -0.132  1.00 76.28  ? 91  ASP A CA  1 
ATOM   559 C C   . ASP A 1 74 ? -17.364 6.006   -1.563  1.00 76.63  ? 91  ASP A C   1 
ATOM   560 O O   . ASP A 1 74 ? -18.432 5.426   -1.823  1.00 79.42  ? 91  ASP A O   1 
ATOM   561 C CB  . ASP A 1 74 ? -17.451 7.015   0.792   1.00 82.86  ? 91  ASP A CB  1 
ATOM   562 C CG  . ASP A 1 74 ? -16.842 8.386   0.666   1.00 82.87  ? 91  ASP A CG  1 
ATOM   563 O OD1 . ASP A 1 74 ? -16.779 9.097   1.696   1.00 85.10  ? 91  ASP A OD1 1 
ATOM   564 O OD2 . ASP A 1 74 ? -16.441 8.753   -0.459  1.00 79.10  ? 91  ASP A OD2 1 
ATOM   565 N N   . TYR A 1 75 ? -16.643 6.669   -2.475  1.00 55.22  ? 92  TYR A N   1 
ATOM   566 C CA  . TYR A 1 75 ? -16.942 6.625   -3.919  1.00 52.37  ? 92  TYR A CA  1 
ATOM   567 C C   . TYR A 1 75 ? -15.717 6.948   -4.784  1.00 50.14  ? 92  TYR A C   1 
ATOM   568 O O   . TYR A 1 75 ? -14.795 7.629   -4.320  1.00 54.00  ? 92  TYR A O   1 
ATOM   569 C CB  . TYR A 1 75 ? -18.122 7.538   -4.280  1.00 51.44  ? 92  TYR A CB  1 
ATOM   570 C CG  . TYR A 1 75 ? -17.960 9.029   -4.006  1.00 54.62  ? 92  TYR A CG  1 
ATOM   571 C CD1 . TYR A 1 75 ? -17.482 9.894   -4.991  1.00 53.49  ? 92  TYR A CD1 1 
ATOM   572 C CD2 . TYR A 1 75 ? -18.356 9.583   -2.785  1.00 55.03  ? 92  TYR A CD2 1 
ATOM   573 C CE1 . TYR A 1 75 ? -17.375 11.261  -4.753  1.00 55.74  ? 92  TYR A CE1 1 
ATOM   574 C CE2 . TYR A 1 75 ? -18.253 10.946  -2.540  1.00 50.10  ? 92  TYR A CE2 1 
ATOM   575 C CZ  . TYR A 1 75 ? -17.763 11.777  -3.524  1.00 55.11  ? 92  TYR A CZ  1 
ATOM   576 O OH  . TYR A 1 75 ? -17.655 13.130  -3.286  1.00 57.48  ? 92  TYR A OH  1 
ATOM   577 N N   . ASP A 1 76 ? -15.704 6.471   -6.030  1.00 41.34  ? 93  ASP A N   1 
ATOM   578 C CA  . ASP A 1 76 ? -14.573 6.729   -6.935  1.00 40.70  ? 93  ASP A CA  1 
ATOM   579 C C   . ASP A 1 76 ? -14.647 8.048   -7.746  1.00 42.60  ? 93  ASP A C   1 
ATOM   580 O O   . ASP A 1 76 ? -15.668 8.745   -7.737  1.00 47.74  ? 93  ASP A O   1 
ATOM   581 C CB  . ASP A 1 76 ? -14.267 5.501   -7.828  1.00 40.47  ? 93  ASP A CB  1 
ATOM   582 C CG  . ASP A 1 76 ? -15.436 5.080   -8.735  1.00 39.12  ? 93  ASP A CG  1 
ATOM   583 O OD1 . ASP A 1 76 ? -16.260 5.929   -9.158  1.00 40.90  ? 93  ASP A OD1 1 
ATOM   584 O OD2 . ASP A 1 76 ? -15.490 3.871   -9.064  1.00 39.29  ? 93  ASP A OD2 1 
ATOM   585 N N   . GLY A 1 77 ? -13.560 8.403   -8.433  1.00 45.33  ? 94  GLY A N   1 
ATOM   586 C CA  . GLY A 1 77 ? -13.454 9.719   -9.058  1.00 44.53  ? 94  GLY A CA  1 
ATOM   587 C C   . GLY A 1 77 ? -13.088 10.756  -8.004  1.00 46.28  ? 94  GLY A C   1 
ATOM   588 O O   . GLY A 1 77 ? -12.895 10.385  -6.842  1.00 46.13  ? 94  GLY A O   1 
ATOM   589 N N   . HIS A 1 78 ? -12.987 12.037  -8.383  1.00 47.01  ? 95  HIS A N   1 
ATOM   590 C CA  . HIS A 1 78 ? -12.691 13.094  -7.402  1.00 44.74  ? 95  HIS A CA  1 
ATOM   591 C C   . HIS A 1 78 ? -13.863 13.310  -6.437  1.00 48.10  ? 95  HIS A C   1 
ATOM   592 O O   . HIS A 1 78 ? -15.016 13.008  -6.782  1.00 51.12  ? 95  HIS A O   1 
ATOM   593 C CB  . HIS A 1 78 ? -12.349 14.411  -8.096  1.00 44.13  ? 95  HIS A CB  1 
ATOM   594 C CG  . HIS A 1 78 ? -11.157 14.339  -9.004  1.00 42.83  ? 95  HIS A CG  1 
ATOM   595 N ND1 . HIS A 1 78 ? -11.153 13.603  -10.171 1.00 42.87  ? 95  HIS A ND1 1 
ATOM   596 C CD2 . HIS A 1 78 ? -9.943  14.938  -8.933  1.00 44.51  ? 95  HIS A CD2 1 
ATOM   597 C CE1 . HIS A 1 78 ? -9.983  13.739  -10.774 1.00 43.34  ? 95  HIS A CE1 1 
ATOM   598 N NE2 . HIS A 1 78 ? -9.230  14.545  -10.043 1.00 46.30  ? 95  HIS A NE2 1 
ATOM   599 N N   . CYS A 1 79 ? -13.571 13.813  -5.234  1.00 49.76  ? 96  CYS A N   1 
ATOM   600 C CA  . CYS A 1 79 ? -14.617 14.221  -4.278  1.00 51.91  ? 96  CYS A CA  1 
ATOM   601 C C   . CYS A 1 79 ? -15.508 15.317  -4.873  1.00 56.70  ? 96  CYS A C   1 
ATOM   602 O O   . CYS A 1 79 ? -15.146 15.931  -5.879  1.00 59.14  ? 96  CYS A O   1 
ATOM   603 C CB  . CYS A 1 79 ? -13.995 14.725  -2.976  1.00 50.81  ? 96  CYS A CB  1 
ATOM   604 S SG  . CYS A 1 79 ? -13.293 13.410  -1.946  1.00 49.95  ? 96  CYS A SG  1 
ATOM   605 N N   . LYS A 1 80 ? -16.664 15.558  -4.251  1.00 80.10  ? 97  LYS A N   1 
ATOM   606 C CA  . LYS A 1 80 ? -17.646 16.538  -4.745  1.00 85.13  ? 97  LYS A CA  1 
ATOM   607 C C   . LYS A 1 80 ? -17.143 17.987  -4.789  1.00 92.76  ? 97  LYS A C   1 
ATOM   608 O O   . LYS A 1 80 ? -16.144 18.328  -4.147  1.00 96.41  ? 97  LYS A O   1 
ATOM   609 C CB  . LYS A 1 80 ? -18.927 16.488  -3.904  1.00 84.29  ? 97  LYS A CB  1 
ATOM   610 C CG  . LYS A 1 80 ? -18.792 17.104  -2.513  1.00 89.82  ? 97  LYS A CG  1 
ATOM   611 C CD  . LYS A 1 80 ? -20.135 17.211  -1.788  1.00 89.28  ? 97  LYS A CD  1 
ATOM   612 C CE  . LYS A 1 80 ? -20.648 18.642  -1.797  1.00 91.18  ? 97  LYS A CE  1 
ATOM   613 N NZ  . LYS A 1 80 ? -20.618 19.235  -3.164  1.00 89.22  ? 97  LYS A NZ  1 
ATOM   614 N N   . GLU A 1 81 ? -17.853 18.828  -5.544  1.00 90.79  ? 98  GLU A N   1 
ATOM   615 C CA  . GLU A 1 81 ? -17.581 20.266  -5.615  1.00 92.07  ? 98  GLU A CA  1 
ATOM   616 C C   . GLU A 1 81 ? -16.139 20.599  -5.997  1.00 94.74  ? 98  GLU A C   1 
ATOM   617 O O   . GLU A 1 81 ? -15.888 21.452  -6.854  1.00 96.20  ? 98  GLU A O   1 
ATOM   618 C CB  . GLU A 1 81 ? -17.963 20.956  -4.301  1.00 90.35  ? 98  GLU A CB  1 
HETATM 619 O O   . HOH B 2 .  ? 6.338   -17.493 3.119   1.00 41.91  ? 101 HOH A O   1 
HETATM 620 O O   . HOH B 2 .  ? -2.127  0.147   -9.848  1.00 40.79  ? 102 HOH A O   1 
HETATM 621 O O   . HOH B 2 .  ? 25.662  -8.361  -5.459  1.00 49.01  ? 103 HOH A O   1 
HETATM 622 O O   . HOH B 2 .  ? 13.981  -14.634 19.204  1.00 48.49  ? 104 HOH A O   1 
HETATM 623 O O   . HOH B 2 .  ? -11.260 6.543   -10.330 1.00 36.72  ? 105 HOH A O   1 
HETATM 624 O O   . HOH B 2 .  ? 8.639   1.603   3.147   1.00 43.44  ? 106 HOH A O   1 
HETATM 625 O O   . HOH B 2 .  ? 19.306  -2.729  12.435  1.00 38.70  ? 107 HOH A O   1 
HETATM 626 O O   . HOH B 2 .  ? 9.784   7.285   -4.362  1.00 47.46  ? 108 HOH A O   1 
HETATM 627 O O   . HOH B 2 .  ? -13.468 2.405   -8.955  1.00 33.64  ? 109 HOH A O   1 
HETATM 628 O O   . HOH B 2 .  ? -17.137 5.711   3.351   1.00 51.09  ? 110 HOH A O   1 
HETATM 629 O O   . HOH B 2 .  ? 2.895   5.992   -2.971  1.00 42.34  ? 111 HOH A O   1 
HETATM 630 O O   . HOH B 2 .  ? 7.342   5.309   2.337   1.00 44.18  ? 112 HOH A O   1 
HETATM 631 O O   . HOH B 2 .  ? -1.166  1.645   -7.303  1.00 33.03  ? 113 HOH A O   1 
HETATM 632 O O   . HOH B 2 .  ? 9.626   -11.448 12.406  1.00 45.86  ? 114 HOH A O   1 
HETATM 633 O O   . HOH B 2 .  ? 13.467  -14.998 -0.045  1.00 44.12  ? 115 HOH A O   1 
HETATM 634 O O   . HOH B 2 .  ? -0.455  7.665   0.110   1.00 41.09  ? 116 HOH A O   1 
HETATM 635 O O   . HOH B 2 .  ? -18.217 3.800   -8.967  1.00 34.43  ? 117 HOH A O   1 
HETATM 636 O O   . HOH B 2 .  ? -6.820  1.130   5.394   1.00 39.70  ? 118 HOH A O   1 
HETATM 637 O O   . HOH B 2 .  ? -4.922  -1.430  -3.224  1.00 40.15  ? 119 HOH A O   1 
HETATM 638 O O   . HOH B 2 .  ? 12.170  -6.384  2.938   1.00 36.30  ? 120 HOH A O   1 
HETATM 639 O O   . HOH B 2 .  ? 5.150   7.612   -2.107  1.00 42.62  ? 121 HOH A O   1 
HETATM 640 O O   . HOH B 2 .  ? -11.913 1.100   0.747   1.00 36.81  ? 122 HOH A O   1 
HETATM 641 O O   . HOH B 2 .  ? 4.264   -10.809 10.782  1.00 35.04  ? 123 HOH A O   1 
HETATM 642 O O   . HOH B 2 .  ? -2.692  -1.312  -2.392  1.00 37.06  ? 124 HOH A O   1 
HETATM 643 O O   . HOH B 2 .  ? 11.072  -13.327 -7.680  1.00 47.18  ? 125 HOH A O   1 
HETATM 644 O O   . HOH B 2 .  ? 2.617   -8.165  -0.839  1.00 31.08  ? 126 HOH A O   1 
HETATM 645 O O   . HOH B 2 .  ? 0.520   -0.377  -5.906  1.00 37.65  ? 127 HOH A O   1 
HETATM 646 O O   . HOH B 2 .  ? -12.548 0.312   -1.811  0.50 43.83  ? 128 HOH A O   1 
HETATM 647 O O   . HOH B 2 .  ? -12.046 1.235   -4.114  0.50 43.54  ? 129 HOH A O   1 
HETATM 648 O O   . HOH B 2 .  ? 5.472   -8.256  -1.866  1.00 41.47  ? 130 HOH A O   1 
HETATM 649 O O   . HOH B 2 .  ? 15.246  -7.984  -6.111  1.00 42.00  ? 131 HOH A O   1 
HETATM 650 O O   . HOH B 2 .  ? -10.853 3.429   -9.592  0.50 33.83  ? 132 HOH A O   1 
HETATM 651 O O   . HOH B 2 .  ? 7.046   -10.632 -2.930  1.00 41.97  ? 133 HOH A O   1 
HETATM 652 O O   . HOH B 2 .  ? -0.692  -2.860  -4.331  1.00 39.73  ? 134 HOH A O   1 
# 
